data_4YOJ
#
_entry.id   4YOJ
#
_cell.length_a   57.932
_cell.length_b   88.343
_cell.length_c   112.876
_cell.angle_alpha   90.00
_cell.angle_beta   90.00
_cell.angle_gamma   90.00
#
_symmetry.space_group_name_H-M   'P 21 21 21'
#
loop_
_entity.id
_entity.type
_entity.pdbx_description
1 polymer '3C-like proteinase'
2 non-polymer N-{4-[(1H-benzotriazol-1-ylacetyl)(thiophen-3-ylmethyl)amino]phenyl}benzamide
3 non-polymer 'ACETATE ION'
4 non-polymer 'FORMIC ACID'
5 water water
#
_entity_poly.entity_id   1
_entity_poly.type   'polypeptide(L)'
_entity_poly.pdbx_seq_one_letter_code
;SGLVKMSAPSGAVENCIVQVTCGSMTLNGLWLDNTVWCPRHIMCPADQLTDPNYDALLISKTNHSFIVQKHIGAQANLRV
VAHSMVGVLLKLTVDVANPSTPAYTFSTVKPGASFSVLACYNGKPTGVFTVNLRHNSTIKGSFLCGSCGSVGYTENGGVI
NFVYMHQMELSNGTHTGSSFDGVMYGAFEDKQTHQLQLTDKYCTINVVAWLYAAVLNGCKWFVKPTRVGIVTYNEWALSN
QFTEFVGTQSIDMLAHRTGVSVEQMLAAIQSLHAGFQGKTILGQSTLEDEFTPDDVNMQVMGVVMQ
;
_entity_poly.pdbx_strand_id   A,B
#
loop_
_chem_comp.id
_chem_comp.type
_chem_comp.name
_chem_comp.formula
ACT non-polymer 'ACETATE ION' 'C2 H3 O2 -1'
FMT non-polymer 'FORMIC ACID' 'C H2 O2'
RFM non-polymer N-{4-[(1H-benzotriazol-1-ylacetyl)(thiophen-3-ylmethyl)amino]phenyl}benzamide 'C26 H21 N5 O2 S'
#
# COMPACT_ATOMS: atom_id res chain seq x y z
N SER A 1 6.09 3.49 15.67
CA SER A 1 4.87 2.72 15.84
C SER A 1 3.87 3.02 14.72
N GLY A 2 2.68 2.46 14.82
CA GLY A 2 1.70 2.51 13.74
C GLY A 2 1.68 1.19 12.99
N LEU A 3 0.53 0.84 12.41
CA LEU A 3 0.45 -0.35 11.55
C LEU A 3 -0.31 -0.03 10.28
N VAL A 4 0.33 -0.13 9.13
CA VAL A 4 -0.38 0.14 7.88
C VAL A 4 -0.02 -0.94 6.86
N LYS A 5 -0.89 -1.15 5.88
CA LYS A 5 -0.58 -2.09 4.80
CA LYS A 5 -0.59 -2.09 4.80
C LYS A 5 0.62 -1.58 4.02
N MET A 6 1.70 -2.35 4.03
CA MET A 6 2.95 -1.93 3.41
C MET A 6 3.35 -2.87 2.29
N SER A 7 3.72 -2.31 1.13
CA SER A 7 4.22 -3.12 0.03
C SER A 7 5.73 -3.04 -0.08
N ALA A 8 6.31 -4.05 -0.73
CA ALA A 8 7.72 -3.98 -1.04
C ALA A 8 7.93 -2.90 -2.13
N PRO A 9 9.01 -2.11 -2.02
CA PRO A 9 9.27 -1.11 -3.07
C PRO A 9 9.28 -1.73 -4.47
N SER A 10 8.67 -1.04 -5.42
CA SER A 10 8.37 -1.65 -6.70
C SER A 10 9.39 -1.43 -7.82
N GLY A 11 10.45 -0.64 -7.59
CA GLY A 11 11.36 -0.26 -8.66
C GLY A 11 11.87 -1.40 -9.52
N ALA A 12 12.41 -2.43 -8.87
CA ALA A 12 13.00 -3.56 -9.61
C ALA A 12 11.98 -4.26 -10.51
N VAL A 13 10.74 -4.34 -10.06
CA VAL A 13 9.67 -4.95 -10.85
C VAL A 13 9.25 -4.01 -11.99
N GLU A 14 9.18 -2.71 -11.71
CA GLU A 14 8.78 -1.75 -12.74
C GLU A 14 9.66 -1.87 -13.99
N ASN A 15 10.95 -2.13 -13.81
CA ASN A 15 11.89 -2.25 -14.93
C ASN A 15 11.63 -3.45 -15.84
N CYS A 16 10.67 -4.28 -15.44
CA CYS A 16 10.42 -5.55 -16.13
C CYS A 16 9.04 -5.58 -16.78
N ILE A 17 8.28 -4.50 -16.65
CA ILE A 17 6.92 -4.49 -17.19
C ILE A 17 6.94 -4.07 -18.67
N VAL A 18 6.20 -4.80 -19.49
CA VAL A 18 6.05 -4.49 -20.91
C VAL A 18 4.58 -4.57 -21.31
N GLN A 19 4.25 -4.04 -22.47
CA GLN A 19 2.92 -4.19 -23.06
C GLN A 19 2.90 -5.34 -24.05
N VAL A 20 1.87 -6.18 -24.01
CA VAL A 20 1.76 -7.25 -25.00
C VAL A 20 0.44 -7.11 -25.72
N THR A 21 0.49 -7.22 -27.04
CA THR A 21 -0.73 -7.08 -27.84
C THR A 21 -0.84 -8.26 -28.79
N CYS A 22 -2.04 -8.84 -28.85
CA CYS A 22 -2.31 -9.88 -29.81
C CYS A 22 -3.70 -9.61 -30.37
N GLY A 23 -3.78 -9.34 -31.67
CA GLY A 23 -5.03 -8.91 -32.27
C GLY A 23 -5.54 -7.61 -31.67
N SER A 24 -6.78 -7.63 -31.18
CA SER A 24 -7.37 -6.44 -30.59
C SER A 24 -7.19 -6.39 -29.07
N MET A 25 -6.53 -7.42 -28.51
CA MET A 25 -6.40 -7.51 -27.05
C MET A 25 -5.02 -7.07 -26.62
N THR A 26 -4.98 -6.25 -25.56
CA THR A 26 -3.70 -5.85 -25.01
C THR A 26 -3.72 -5.94 -23.49
N LEU A 27 -2.60 -6.32 -22.92
CA LEU A 27 -2.46 -6.42 -21.47
C LEU A 27 -0.99 -6.32 -21.15
N ASN A 28 -0.62 -6.68 -19.93
CA ASN A 28 0.73 -6.50 -19.43
C ASN A 28 1.50 -7.81 -19.44
N GLY A 29 2.82 -7.69 -19.59
CA GLY A 29 3.69 -8.84 -19.52
C GLY A 29 4.88 -8.53 -18.65
N LEU A 30 5.55 -9.59 -18.22
CA LEU A 30 6.74 -9.50 -17.40
C LEU A 30 7.95 -10.03 -18.17
N TRP A 31 8.95 -9.15 -18.34
CA TRP A 31 10.13 -9.43 -19.15
C TRP A 31 11.32 -9.75 -18.26
N LEU A 32 11.68 -11.01 -18.21
CA LEU A 32 12.84 -11.46 -17.41
C LEU A 32 13.76 -12.23 -18.34
N ASP A 33 15.06 -11.88 -18.33
CA ASP A 33 16.00 -12.43 -19.30
C ASP A 33 15.38 -12.30 -20.69
N ASN A 34 15.41 -13.37 -21.46
CA ASN A 34 14.87 -13.37 -22.83
C ASN A 34 13.43 -13.89 -22.95
N THR A 35 12.66 -13.80 -21.87
CA THR A 35 11.31 -14.33 -21.82
C THR A 35 10.31 -13.25 -21.44
N VAL A 36 9.15 -13.24 -22.09
CA VAL A 36 8.04 -12.37 -21.67
C VAL A 36 6.86 -13.24 -21.29
N TRP A 37 6.38 -13.09 -20.05
CA TRP A 37 5.25 -13.85 -19.54
C TRP A 37 3.98 -13.04 -19.60
N CYS A 38 2.89 -13.63 -20.09
CA CYS A 38 1.58 -12.96 -19.97
C CYS A 38 0.46 -14.00 -19.93
N PRO A 39 -0.76 -13.58 -19.57
CA PRO A 39 -1.85 -14.58 -19.53
C PRO A 39 -2.14 -15.14 -20.91
N ARG A 40 -2.46 -16.43 -21.02
CA ARG A 40 -2.69 -16.98 -22.34
C ARG A 40 -4.00 -16.47 -22.94
N HIS A 41 -4.89 -15.92 -22.10
CA HIS A 41 -6.16 -15.45 -22.65
C HIS A 41 -5.99 -14.21 -23.55
N ILE A 42 -4.78 -13.66 -23.63
CA ILE A 42 -4.51 -12.60 -24.60
C ILE A 42 -4.79 -13.08 -26.04
N MET A 43 -4.69 -14.39 -26.28
CA MET A 43 -4.93 -14.95 -27.61
C MET A 43 -6.40 -15.11 -27.96
N CYS A 44 -7.27 -14.99 -26.96
CA CYS A 44 -8.66 -15.35 -27.16
C CYS A 44 -9.48 -14.18 -27.71
N PRO A 45 -10.14 -14.40 -28.86
CA PRO A 45 -10.99 -13.34 -29.44
C PRO A 45 -12.20 -13.13 -28.56
N ALA A 46 -12.78 -11.93 -28.60
CA ALA A 46 -13.88 -11.57 -27.70
C ALA A 46 -15.07 -12.54 -27.74
N ASP A 47 -15.33 -13.17 -28.88
CA ASP A 47 -16.51 -14.02 -29.00
C ASP A 47 -16.30 -15.44 -28.49
N GLN A 48 -15.06 -15.81 -28.19
CA GLN A 48 -14.75 -17.17 -27.77
C GLN A 48 -14.35 -17.25 -26.30
N LEU A 49 -14.64 -16.19 -25.55
CA LEU A 49 -14.19 -16.06 -24.17
C LEU A 49 -14.83 -17.10 -23.23
N THR A 50 -15.97 -17.66 -23.64
CA THR A 50 -16.68 -18.62 -22.83
CA THR A 50 -16.67 -18.63 -22.81
C THR A 50 -16.10 -20.03 -23.04
N ASP A 51 -15.62 -20.26 -24.25
CA ASP A 51 -15.22 -21.60 -24.69
C ASP A 51 -13.80 -21.72 -25.25
N PRO A 52 -12.82 -21.06 -24.61
CA PRO A 52 -11.58 -21.03 -25.39
C PRO A 52 -10.93 -22.40 -25.57
N ASN A 53 -10.54 -22.67 -26.81
CA ASN A 53 -9.67 -23.79 -27.14
C ASN A 53 -8.26 -23.22 -27.31
N TYR A 54 -7.52 -23.18 -26.20
CA TYR A 54 -6.21 -22.54 -26.23
C TYR A 54 -5.21 -23.26 -27.12
N ASP A 55 -5.36 -24.57 -27.29
CA ASP A 55 -4.40 -25.30 -28.14
C ASP A 55 -4.52 -24.87 -29.58
N ALA A 56 -5.76 -24.76 -30.05
CA ALA A 56 -6.05 -24.29 -31.39
C ALA A 56 -5.61 -22.83 -31.56
N LEU A 57 -5.94 -22.00 -30.56
CA LEU A 57 -5.54 -20.59 -30.58
C LEU A 57 -4.04 -20.45 -30.72
N LEU A 58 -3.30 -21.21 -29.92
CA LEU A 58 -1.84 -21.13 -29.94
C LEU A 58 -1.26 -21.31 -31.32
N ILE A 59 -1.69 -22.36 -31.98
CA ILE A 59 -1.10 -22.77 -33.26
C ILE A 59 -1.69 -21.96 -34.42
N SER A 60 -2.76 -21.20 -34.16
CA SER A 60 -3.34 -20.26 -35.13
C SER A 60 -2.58 -18.93 -35.15
N LYS A 61 -1.69 -18.75 -34.19
CA LYS A 61 -0.88 -17.54 -34.10
C LYS A 61 0.54 -17.78 -34.62
N THR A 62 1.13 -16.73 -35.17
CA THR A 62 2.54 -16.76 -35.50
CA THR A 62 2.55 -16.75 -35.51
C THR A 62 3.29 -15.96 -34.46
N ASN A 63 4.62 -16.01 -34.50
CA ASN A 63 5.42 -15.17 -33.62
C ASN A 63 5.07 -13.70 -33.85
N HIS A 64 4.87 -13.33 -35.11
CA HIS A 64 4.53 -11.96 -35.48
C HIS A 64 3.14 -11.51 -34.99
N SER A 65 2.32 -12.44 -34.53
CA SER A 65 1.01 -12.13 -33.95
C SER A 65 1.12 -11.31 -32.67
N PHE A 66 2.26 -11.43 -32.00
CA PHE A 66 2.43 -10.83 -30.68
C PHE A 66 3.34 -9.62 -30.75
N ILE A 67 2.81 -8.45 -30.44
CA ILE A 67 3.61 -7.23 -30.41
C ILE A 67 3.97 -6.90 -28.97
N VAL A 68 5.26 -6.81 -28.71
CA VAL A 68 5.72 -6.61 -27.35
C VAL A 68 6.48 -5.31 -27.31
N GLN A 69 6.04 -4.41 -26.43
CA GLN A 69 6.63 -3.07 -26.33
C GLN A 69 7.02 -2.69 -24.91
N LYS A 70 8.21 -2.12 -24.73
CA LYS A 70 8.55 -1.52 -23.44
C LYS A 70 8.36 -0.02 -23.52
N HIS A 71 7.52 0.53 -22.65
CA HIS A 71 7.13 1.95 -22.71
C HIS A 71 7.94 2.82 -21.77
N ILE A 72 8.17 2.32 -20.57
CA ILE A 72 8.86 3.11 -19.55
C ILE A 72 10.35 2.82 -19.64
N GLY A 73 11.18 3.69 -19.08
CA GLY A 73 12.62 3.51 -19.15
C GLY A 73 13.14 3.47 -20.57
N ALA A 74 14.04 2.52 -20.84
CA ALA A 74 14.71 2.35 -22.14
C ALA A 74 13.77 1.68 -23.08
N GLN A 75 13.17 2.48 -23.94
CA GLN A 75 11.91 2.16 -24.57
C GLN A 75 12.34 1.07 -25.57
N ALA A 76 11.46 0.16 -26.03
CA ALA A 76 11.89 -0.81 -27.06
C ALA A 76 10.72 -1.58 -27.67
N ASN A 77 10.89 -2.06 -28.90
CA ASN A 77 9.97 -3.05 -29.46
C ASN A 77 10.70 -4.38 -29.53
N LEU A 78 10.09 -5.42 -28.97
CA LEU A 78 10.82 -6.68 -28.80
C LEU A 78 10.32 -7.77 -29.76
N ARG A 79 11.21 -8.30 -30.58
CA ARG A 79 10.83 -9.35 -31.51
C ARG A 79 10.59 -10.68 -30.83
N VAL A 80 9.40 -11.24 -31.02
CA VAL A 80 9.08 -12.56 -30.49
C VAL A 80 9.65 -13.63 -31.42
N VAL A 81 10.41 -14.59 -30.88
CA VAL A 81 11.01 -15.62 -31.73
C VAL A 81 10.49 -17.02 -31.40
N ALA A 82 9.70 -17.13 -30.33
CA ALA A 82 9.00 -18.38 -30.06
C ALA A 82 7.84 -18.10 -29.12
N HIS A 83 6.82 -18.94 -29.16
CA HIS A 83 5.68 -18.81 -28.24
C HIS A 83 5.16 -20.18 -27.85
N SER A 84 4.91 -20.37 -26.55
CA SER A 84 4.40 -21.65 -26.10
C SER A 84 3.57 -21.48 -24.83
N MET A 85 2.76 -22.46 -24.50
CA MET A 85 1.95 -22.38 -23.29
C MET A 85 2.64 -23.01 -22.10
N VAL A 86 2.49 -22.35 -20.97
CA VAL A 86 3.00 -22.83 -19.68
C VAL A 86 1.80 -22.76 -18.77
N GLY A 87 1.01 -23.82 -18.71
CA GLY A 87 -0.27 -23.75 -18.00
C GLY A 87 -1.15 -22.65 -18.55
N VAL A 88 -1.59 -21.75 -17.68
CA VAL A 88 -2.47 -20.67 -18.11
C VAL A 88 -1.66 -19.40 -18.47
N LEU A 89 -0.35 -19.58 -18.65
CA LEU A 89 0.48 -18.50 -19.15
C LEU A 89 0.93 -18.77 -20.57
N LEU A 90 1.11 -17.69 -21.32
CA LEU A 90 1.89 -17.72 -22.55
C LEU A 90 3.33 -17.35 -22.20
N LYS A 91 4.27 -18.11 -22.76
CA LYS A 91 5.67 -17.82 -22.58
C LYS A 91 6.17 -17.38 -23.95
N LEU A 92 6.50 -16.10 -24.05
CA LEU A 92 7.02 -15.58 -25.30
C LEU A 92 8.52 -15.45 -25.20
N THR A 93 9.25 -16.13 -26.07
CA THR A 93 10.68 -15.93 -26.11
C THR A 93 10.96 -14.73 -27.01
N VAL A 94 11.76 -13.79 -26.54
CA VAL A 94 12.08 -12.64 -27.38
C VAL A 94 13.57 -12.64 -27.71
N ASP A 95 14.00 -11.81 -28.67
CA ASP A 95 15.37 -11.91 -29.14
C ASP A 95 16.36 -11.02 -28.38
N VAL A 96 15.89 -10.39 -27.29
CA VAL A 96 16.75 -9.54 -26.45
C VAL A 96 16.48 -9.81 -24.96
N ALA A 97 17.53 -10.03 -24.18
CA ALA A 97 17.37 -10.18 -22.74
C ALA A 97 17.18 -8.83 -22.04
N ASN A 98 16.30 -8.78 -21.05
CA ASN A 98 16.10 -7.57 -20.26
C ASN A 98 17.35 -7.28 -19.45
N PRO A 99 18.06 -6.18 -19.78
CA PRO A 99 19.29 -5.85 -19.06
C PRO A 99 19.05 -5.45 -17.60
N SER A 100 17.80 -5.13 -17.28
CA SER A 100 17.44 -4.78 -15.91
C SER A 100 16.79 -5.94 -15.19
N THR A 101 16.98 -7.16 -15.66
CA THR A 101 16.45 -8.32 -14.94
C THR A 101 17.04 -8.39 -13.54
N PRO A 102 16.19 -8.38 -12.49
CA PRO A 102 16.78 -8.47 -11.15
C PRO A 102 17.15 -9.90 -10.82
N ALA A 103 17.91 -10.11 -9.75
CA ALA A 103 18.05 -11.45 -9.18
C ALA A 103 16.64 -11.88 -8.82
N TYR A 104 16.24 -13.09 -9.21
CA TYR A 104 14.87 -13.48 -8.90
C TYR A 104 14.64 -14.96 -8.71
N THR A 105 13.53 -15.25 -8.04
CA THR A 105 13.04 -16.59 -7.80
CA THR A 105 13.04 -16.61 -7.91
C THR A 105 11.56 -16.64 -8.21
N PHE A 106 11.06 -17.84 -8.54
CA PHE A 106 9.63 -18.06 -8.65
C PHE A 106 9.14 -18.87 -7.45
N SER A 107 8.02 -18.50 -6.85
CA SER A 107 7.40 -19.41 -5.89
CA SER A 107 7.39 -19.34 -5.82
C SER A 107 5.87 -19.35 -5.96
N THR A 108 5.25 -20.38 -5.41
CA THR A 108 3.81 -20.44 -5.27
CA THR A 108 3.80 -20.40 -5.28
C THR A 108 3.45 -20.26 -3.79
N VAL A 109 2.71 -19.22 -3.46
CA VAL A 109 2.45 -18.94 -2.07
C VAL A 109 1.25 -19.75 -1.58
N LYS A 110 1.14 -19.88 -0.26
CA LYS A 110 0.05 -20.61 0.37
C LYS A 110 -0.99 -19.66 0.91
N PRO A 111 -2.25 -20.10 1.04
CA PRO A 111 -3.28 -19.25 1.66
C PRO A 111 -2.81 -18.72 3.01
N GLY A 112 -3.08 -17.45 3.27
CA GLY A 112 -2.57 -16.79 4.45
C GLY A 112 -1.30 -15.97 4.23
N ALA A 113 -0.65 -16.16 3.08
CA ALA A 113 0.59 -15.44 2.78
C ALA A 113 0.31 -14.10 2.11
N SER A 114 1.12 -13.10 2.45
CA SER A 114 0.97 -11.78 1.85
CA SER A 114 0.98 -11.77 1.87
C SER A 114 1.98 -11.56 0.74
N PHE A 115 1.62 -10.73 -0.23
CA PHE A 115 2.58 -10.31 -1.23
C PHE A 115 2.17 -8.96 -1.78
N SER A 116 3.13 -8.30 -2.43
CA SER A 116 2.90 -7.00 -3.02
C SER A 116 2.40 -7.15 -4.45
N VAL A 117 1.54 -6.25 -4.89
CA VAL A 117 1.10 -6.24 -6.27
C VAL A 117 1.46 -4.92 -6.95
N LEU A 118 2.17 -5.02 -8.08
CA LEU A 118 2.34 -3.88 -8.97
C LEU A 118 1.21 -3.91 -10.02
N ALA A 119 0.19 -3.08 -9.81
CA ALA A 119 -0.88 -2.93 -10.79
C ALA A 119 -0.35 -2.21 -12.01
N CYS A 120 -0.69 -2.73 -13.18
CA CYS A 120 -0.18 -2.18 -14.42
C CYS A 120 -1.31 -2.04 -15.40
N TYR A 121 -1.18 -1.11 -16.33
CA TYR A 121 -2.18 -0.95 -17.38
C TYR A 121 -1.48 -0.57 -18.68
N ASN A 122 -1.81 -1.26 -19.78
CA ASN A 122 -1.13 -1.04 -21.07
C ASN A 122 0.39 -1.03 -20.99
N GLY A 123 0.96 -1.88 -20.14
CA GLY A 123 2.40 -1.95 -20.04
C GLY A 123 3.07 -0.89 -19.18
N LYS A 124 2.29 -0.09 -18.46
CA LYS A 124 2.86 0.90 -17.55
CA LYS A 124 2.90 0.86 -17.54
C LYS A 124 2.40 0.65 -16.12
N PRO A 125 3.34 0.63 -15.16
CA PRO A 125 2.98 0.51 -13.74
C PRO A 125 2.07 1.65 -13.35
N THR A 126 1.08 1.37 -12.53
CA THR A 126 0.02 2.31 -12.22
CA THR A 126 0.09 2.39 -12.20
C THR A 126 -0.18 2.49 -10.70
N GLY A 127 0.13 1.44 -9.95
CA GLY A 127 -0.12 1.45 -8.52
C GLY A 127 0.49 0.27 -7.81
N VAL A 128 0.67 0.40 -6.50
CA VAL A 128 1.25 -0.66 -5.70
C VAL A 128 0.34 -0.91 -4.49
N PHE A 129 0.02 -2.16 -4.20
CA PHE A 129 -0.74 -2.46 -2.99
C PHE A 129 -0.40 -3.87 -2.52
N THR A 130 -0.80 -4.22 -1.30
CA THR A 130 -0.50 -5.55 -0.77
CA THR A 130 -0.51 -5.56 -0.81
C THR A 130 -1.80 -6.35 -0.61
N VAL A 131 -1.72 -7.65 -0.87
CA VAL A 131 -2.85 -8.54 -0.67
C VAL A 131 -2.42 -9.76 0.12
N ASN A 132 -3.40 -10.58 0.46
CA ASN A 132 -3.15 -11.83 1.14
C ASN A 132 -3.84 -12.92 0.34
N LEU A 133 -3.19 -14.05 0.12
CA LEU A 133 -3.87 -15.14 -0.57
C LEU A 133 -4.96 -15.67 0.37
N ARG A 134 -6.20 -15.54 -0.07
CA ARG A 134 -7.35 -15.94 0.75
C ARG A 134 -7.42 -17.45 0.92
N HIS A 135 -8.22 -17.89 1.90
CA HIS A 135 -8.37 -19.31 2.17
C HIS A 135 -8.86 -20.08 0.94
N ASN A 136 -9.67 -19.43 0.12
CA ASN A 136 -10.15 -20.07 -1.10
C ASN A 136 -9.27 -19.72 -2.30
N SER A 137 -8.08 -19.21 -2.00
CA SER A 137 -7.06 -18.94 -3.02
C SER A 137 -7.50 -17.93 -4.08
N THR A 138 -8.28 -16.97 -3.65
CA THR A 138 -8.50 -15.75 -4.39
C THR A 138 -7.69 -14.63 -3.72
N ILE A 139 -7.67 -13.44 -4.31
CA ILE A 139 -7.17 -12.24 -3.60
C ILE A 139 -8.20 -11.13 -3.72
N LYS A 140 -8.14 -10.17 -2.80
CA LYS A 140 -9.04 -9.02 -2.86
C LYS A 140 -8.25 -7.82 -3.32
N GLY A 141 -8.28 -7.56 -4.62
CA GLY A 141 -7.46 -6.49 -5.16
C GLY A 141 -8.29 -5.41 -5.80
N SER A 142 -7.69 -4.76 -6.79
CA SER A 142 -8.30 -3.67 -7.51
C SER A 142 -7.74 -3.70 -8.91
N PHE A 143 -8.56 -4.11 -9.87
CA PHE A 143 -8.09 -4.39 -11.22
C PHE A 143 -9.10 -4.04 -12.31
N LEU A 144 -8.59 -3.74 -13.50
CA LEU A 144 -9.38 -3.78 -14.74
C LEU A 144 -8.95 -4.94 -15.65
N CYS A 145 -9.68 -5.20 -16.73
CA CYS A 145 -9.28 -6.26 -17.66
C CYS A 145 -7.91 -5.94 -18.24
N GLY A 146 -7.69 -4.65 -18.49
CA GLY A 146 -6.40 -4.21 -18.97
C GLY A 146 -5.29 -4.34 -17.95
N SER A 147 -5.65 -4.70 -16.71
CA SER A 147 -4.65 -4.91 -15.68
CA SER A 147 -4.66 -4.92 -15.66
C SER A 147 -4.18 -6.36 -15.63
N CYS A 148 -4.76 -7.22 -16.47
CA CYS A 148 -4.25 -8.59 -16.54
C CYS A 148 -2.76 -8.56 -16.90
N GLY A 149 -1.98 -9.49 -16.33
CA GLY A 149 -0.55 -9.40 -16.43
C GLY A 149 0.10 -8.64 -15.28
N SER A 150 -0.67 -7.92 -14.47
CA SER A 150 -0.12 -7.28 -13.27
C SER A 150 0.59 -8.31 -12.39
N VAL A 151 1.61 -7.87 -11.67
CA VAL A 151 2.56 -8.81 -11.07
C VAL A 151 2.55 -8.76 -9.54
N GLY A 152 2.47 -9.93 -8.92
CA GLY A 152 2.63 -10.08 -7.48
C GLY A 152 4.00 -10.62 -7.14
N TYR A 153 4.59 -10.09 -6.07
CA TYR A 153 5.98 -10.39 -5.73
C TYR A 153 6.26 -10.13 -4.25
N THR A 154 7.34 -10.70 -3.73
CA THR A 154 7.88 -10.29 -2.45
C THR A 154 9.35 -10.03 -2.69
N GLU A 155 10.03 -9.49 -1.69
CA GLU A 155 11.44 -9.15 -1.81
C GLU A 155 12.18 -9.54 -0.55
N ASN A 156 13.42 -10.01 -0.73
CA ASN A 156 14.21 -10.50 0.38
C ASN A 156 15.69 -10.49 -0.04
N GLY A 157 16.49 -9.67 0.64
CA GLY A 157 17.91 -9.59 0.37
C GLY A 157 18.28 -9.30 -1.08
N GLY A 158 17.56 -8.37 -1.69
CA GLY A 158 17.81 -7.98 -3.06
C GLY A 158 17.21 -8.91 -4.11
N VAL A 159 16.65 -10.03 -3.67
CA VAL A 159 16.07 -11.00 -4.61
C VAL A 159 14.56 -10.82 -4.70
N ILE A 160 14.05 -10.67 -5.92
CA ILE A 160 12.61 -10.58 -6.12
C ILE A 160 12.04 -11.99 -6.27
N ASN A 161 11.04 -12.28 -5.47
CA ASN A 161 10.31 -13.54 -5.54
C ASN A 161 8.97 -13.31 -6.24
N PHE A 162 8.89 -13.73 -7.51
CA PHE A 162 7.67 -13.53 -8.27
C PHE A 162 6.67 -14.64 -7.96
N VAL A 163 5.45 -14.27 -7.57
CA VAL A 163 4.50 -15.28 -7.08
C VAL A 163 3.13 -15.26 -7.76
N TYR A 164 2.83 -14.21 -8.52
CA TYR A 164 1.47 -14.04 -9.03
C TYR A 164 1.47 -13.22 -10.31
N MET A 165 0.70 -13.67 -11.29
CA MET A 165 0.37 -12.84 -12.44
C MET A 165 -1.15 -12.77 -12.57
N HIS A 166 -1.68 -11.55 -12.62
CA HIS A 166 -3.13 -11.39 -12.57
C HIS A 166 -3.84 -11.94 -13.82
N GLN A 167 -4.88 -12.75 -13.60
CA GLN A 167 -5.56 -13.43 -14.71
C GLN A 167 -7.03 -13.03 -14.88
N MET A 168 -7.79 -12.96 -13.79
CA MET A 168 -9.21 -12.70 -13.95
CA MET A 168 -9.25 -12.81 -13.91
C MET A 168 -9.89 -12.15 -12.72
N GLU A 169 -11.06 -11.58 -12.94
CA GLU A 169 -11.95 -11.16 -11.86
C GLU A 169 -13.08 -12.17 -11.80
N LEU A 170 -13.27 -12.79 -10.62
CA LEU A 170 -14.25 -13.86 -10.45
C LEU A 170 -15.62 -13.31 -10.05
N SER A 171 -15.60 -12.27 -9.23
CA SER A 171 -16.79 -11.59 -8.75
C SER A 171 -16.33 -10.23 -8.25
N ASN A 172 -17.26 -9.40 -7.80
CA ASN A 172 -16.91 -8.06 -7.37
C ASN A 172 -15.74 -8.02 -6.38
N GLY A 173 -14.71 -7.25 -6.71
CA GLY A 173 -13.51 -7.14 -5.90
C GLY A 173 -12.83 -8.45 -5.55
N THR A 174 -13.07 -9.47 -6.37
CA THR A 174 -12.50 -10.80 -6.10
C THR A 174 -11.78 -11.31 -7.34
N HIS A 175 -10.52 -11.68 -7.13
CA HIS A 175 -9.60 -11.86 -8.23
C HIS A 175 -8.78 -13.13 -8.09
N THR A 176 -8.27 -13.64 -9.19
CA THR A 176 -7.24 -14.65 -9.07
C THR A 176 -6.27 -14.60 -10.24
N GLY A 177 -5.19 -15.36 -10.11
CA GLY A 177 -4.12 -15.34 -11.09
C GLY A 177 -3.34 -16.64 -10.97
N SER A 178 -2.20 -16.69 -11.65
CA SER A 178 -1.39 -17.90 -11.61
C SER A 178 -0.03 -17.63 -11.04
N SER A 179 0.63 -18.65 -10.50
CA SER A 179 2.06 -18.53 -10.25
C SER A 179 2.76 -18.70 -11.60
N PHE A 180 4.07 -18.50 -11.62
CA PHE A 180 4.79 -18.45 -12.89
C PHE A 180 5.19 -19.82 -13.43
N ASP A 181 4.79 -20.87 -12.74
CA ASP A 181 4.78 -22.21 -13.34
C ASP A 181 3.53 -22.40 -14.20
N GLY A 182 2.64 -21.41 -14.18
CA GLY A 182 1.43 -21.43 -14.98
C GLY A 182 0.26 -22.13 -14.33
N VAL A 183 0.37 -22.37 -13.03
CA VAL A 183 -0.72 -23.02 -12.29
C VAL A 183 -1.62 -21.93 -11.69
N MET A 184 -2.90 -21.98 -12.00
CA MET A 184 -3.82 -20.98 -11.46
C MET A 184 -4.01 -21.17 -9.95
N TYR A 185 -3.96 -20.08 -9.17
CA TYR A 185 -4.28 -20.18 -7.76
C TYR A 185 -5.73 -20.62 -7.61
N GLY A 186 -5.94 -21.68 -6.85
CA GLY A 186 -7.29 -22.13 -6.57
C GLY A 186 -7.91 -22.98 -7.66
N ALA A 187 -9.17 -23.32 -7.45
CA ALA A 187 -9.91 -24.20 -8.35
C ALA A 187 -10.52 -23.41 -9.49
N PHE A 188 -9.70 -22.69 -10.27
CA PHE A 188 -10.26 -21.79 -11.27
C PHE A 188 -9.70 -21.96 -12.69
N GLU A 189 -10.60 -21.91 -13.67
CA GLU A 189 -10.23 -22.06 -15.07
C GLU A 189 -10.29 -20.72 -15.77
N ASP A 190 -9.36 -20.48 -16.69
CA ASP A 190 -9.34 -19.21 -17.41
C ASP A 190 -10.36 -19.21 -18.56
N LYS A 191 -11.62 -19.11 -18.17
CA LYS A 191 -12.70 -18.96 -19.12
C LYS A 191 -13.79 -18.09 -18.52
N GLN A 192 -14.74 -17.70 -19.34
CA GLN A 192 -15.62 -16.62 -19.06
C GLN A 192 -16.90 -17.32 -18.64
N THR A 193 -16.87 -18.13 -17.58
CA THR A 193 -18.08 -18.83 -17.12
C THR A 193 -18.22 -18.60 -15.63
N HIS A 194 -19.44 -18.64 -15.12
CA HIS A 194 -19.59 -18.50 -13.68
C HIS A 194 -18.92 -19.68 -13.02
N GLN A 195 -18.04 -19.39 -12.07
CA GLN A 195 -17.37 -20.44 -11.32
C GLN A 195 -17.62 -20.24 -9.83
N LEU A 196 -17.93 -21.32 -9.15
CA LEU A 196 -18.22 -21.25 -7.72
C LEU A 196 -16.91 -21.20 -6.94
N GLN A 197 -16.88 -20.31 -5.96
CA GLN A 197 -15.73 -20.21 -5.09
C GLN A 197 -15.97 -21.01 -3.82
N LEU A 198 -14.97 -21.73 -3.35
CA LEU A 198 -15.03 -22.34 -2.02
C LEU A 198 -15.23 -21.23 -1.01
N THR A 199 -15.81 -21.55 0.15
CA THR A 199 -16.04 -20.54 1.17
C THR A 199 -14.73 -19.95 1.70
N ASP A 200 -14.70 -18.64 1.91
CA ASP A 200 -13.50 -18.02 2.46
C ASP A 200 -13.50 -18.21 3.97
N LYS A 201 -12.34 -17.95 4.59
CA LYS A 201 -12.20 -18.07 6.03
C LYS A 201 -11.24 -17.03 6.54
N TYR A 202 -11.47 -16.58 7.77
CA TYR A 202 -10.48 -15.74 8.45
C TYR A 202 -9.25 -16.54 8.73
N CYS A 203 -8.08 -15.97 8.43
CA CYS A 203 -6.82 -16.59 8.74
C CYS A 203 -6.47 -16.30 10.19
N THR A 204 -6.69 -17.27 11.07
CA THR A 204 -6.57 -17.06 12.51
C THR A 204 -5.21 -16.53 12.94
N ILE A 205 -4.13 -17.13 12.42
CA ILE A 205 -2.81 -16.77 12.91
C ILE A 205 -2.49 -15.32 12.53
N ASN A 206 -3.03 -14.88 11.41
CA ASN A 206 -2.87 -13.48 11.00
C ASN A 206 -3.64 -12.56 11.92
N VAL A 207 -4.83 -12.98 12.31
CA VAL A 207 -5.63 -12.20 13.25
C VAL A 207 -4.88 -12.06 14.58
N VAL A 208 -4.30 -13.15 15.05
CA VAL A 208 -3.54 -13.15 16.29
C VAL A 208 -2.35 -12.19 16.21
N ALA A 209 -1.63 -12.23 15.09
CA ALA A 209 -0.52 -11.31 14.85
C ALA A 209 -0.97 -9.86 14.95
N TRP A 210 -2.11 -9.58 14.34
CA TRP A 210 -2.68 -8.24 14.32
C TRP A 210 -3.05 -7.79 15.73
N LEU A 211 -3.62 -8.69 16.53
CA LEU A 211 -3.96 -8.35 17.92
C LEU A 211 -2.70 -8.07 18.74
N TYR A 212 -1.62 -8.81 18.49
CA TYR A 212 -0.35 -8.52 19.14
C TYR A 212 0.19 -7.16 18.70
N ALA A 213 0.08 -6.86 17.41
CA ALA A 213 0.46 -5.52 16.94
C ALA A 213 -0.30 -4.42 17.67
N ALA A 214 -1.61 -4.64 17.84
CA ALA A 214 -2.46 -3.70 18.55
C ALA A 214 -1.95 -3.49 19.97
N VAL A 215 -1.66 -4.58 20.67
CA VAL A 215 -1.17 -4.48 22.05
C VAL A 215 0.16 -3.70 22.13
N LEU A 216 1.06 -3.94 21.18
CA LEU A 216 2.33 -3.22 21.17
C LEU A 216 2.13 -1.76 20.80
N ASN A 217 1.00 -1.46 20.18
CA ASN A 217 0.64 -0.09 19.83
C ASN A 217 -0.30 0.55 20.87
N GLY A 218 -0.34 -0.04 22.06
CA GLY A 218 -1.08 0.57 23.15
C GLY A 218 -2.57 0.28 23.17
N CYS A 219 -3.03 -0.56 22.26
CA CYS A 219 -4.45 -0.93 22.22
C CYS A 219 -4.67 -2.30 22.83
N LYS A 220 -5.29 -2.35 24.02
CA LYS A 220 -5.32 -3.61 24.75
C LYS A 220 -6.64 -3.91 25.47
N TRP A 221 -7.68 -3.13 25.20
CA TRP A 221 -8.95 -3.28 25.91
C TRP A 221 -9.58 -4.66 25.74
N PHE A 222 -9.28 -5.30 24.62
CA PHE A 222 -9.84 -6.61 24.28
C PHE A 222 -9.15 -7.79 25.01
N VAL A 223 -8.02 -7.54 25.65
CA VAL A 223 -7.32 -8.63 26.36
C VAL A 223 -7.95 -8.87 27.74
N LYS A 224 -8.36 -10.10 28.02
CA LYS A 224 -9.01 -10.45 29.28
C LYS A 224 -8.29 -11.63 29.90
N PRO A 225 -8.61 -11.95 31.16
CA PRO A 225 -8.05 -13.20 31.70
C PRO A 225 -8.52 -14.42 30.90
N THR A 226 -9.66 -14.29 30.22
CA THR A 226 -10.25 -15.41 29.50
C THR A 226 -9.26 -16.06 28.55
N ARG A 227 -9.19 -17.39 28.62
CA ARG A 227 -8.33 -18.22 27.77
C ARG A 227 -9.17 -19.27 27.08
N VAL A 228 -8.78 -19.67 25.88
CA VAL A 228 -9.41 -20.84 25.27
C VAL A 228 -8.32 -21.77 24.76
N GLY A 229 -8.45 -23.06 25.04
CA GLY A 229 -7.46 -24.02 24.60
C GLY A 229 -7.45 -24.11 23.10
N ILE A 230 -6.31 -24.44 22.51
CA ILE A 230 -6.22 -24.53 21.06
C ILE A 230 -7.17 -25.59 20.51
N VAL A 231 -7.33 -26.69 21.24
CA VAL A 231 -8.20 -27.76 20.76
C VAL A 231 -9.67 -27.29 20.70
N THR A 232 -10.08 -26.49 21.68
CA THR A 232 -11.44 -25.97 21.73
C THR A 232 -11.65 -24.88 20.68
N TYR A 233 -10.64 -24.03 20.52
CA TYR A 233 -10.71 -22.99 19.50
C TYR A 233 -10.88 -23.62 18.12
N ASN A 234 -10.08 -24.63 17.83
CA ASN A 234 -10.09 -25.22 16.49
C ASN A 234 -11.43 -25.89 16.19
N GLU A 235 -12.06 -26.48 17.20
CA GLU A 235 -13.38 -27.03 16.98
C GLU A 235 -14.35 -25.89 16.64
N TRP A 236 -14.27 -24.79 17.39
CA TRP A 236 -15.12 -23.63 17.15
C TRP A 236 -14.87 -23.04 15.76
N ALA A 237 -13.58 -22.97 15.38
CA ALA A 237 -13.18 -22.39 14.10
C ALA A 237 -13.85 -23.10 12.93
N LEU A 238 -13.97 -24.42 13.03
CA LEU A 238 -14.57 -25.20 11.95
C LEU A 238 -16.02 -24.79 11.69
N SER A 239 -16.71 -24.29 12.72
CA SER A 239 -18.11 -23.90 12.59
C SER A 239 -18.31 -22.41 12.38
N ASN A 240 -17.23 -21.64 12.41
CA ASN A 240 -17.35 -20.19 12.29
C ASN A 240 -16.48 -19.54 11.21
N GLN A 241 -16.03 -20.34 10.24
CA GLN A 241 -15.24 -19.83 9.11
C GLN A 241 -13.92 -19.14 9.54
N PHE A 242 -13.23 -19.76 10.50
CA PHE A 242 -11.87 -19.42 10.82
C PHE A 242 -10.97 -20.62 10.52
N THR A 243 -9.71 -20.37 10.18
CA THR A 243 -8.75 -21.44 10.00
C THR A 243 -8.35 -22.02 11.34
N GLU A 244 -7.94 -23.28 11.35
CA GLU A 244 -7.36 -23.86 12.57
C GLU A 244 -6.06 -23.16 12.91
N PHE A 245 -5.80 -23.01 14.20
CA PHE A 245 -4.57 -22.36 14.68
C PHE A 245 -3.46 -23.36 14.92
N VAL A 246 -2.29 -23.10 14.37
CA VAL A 246 -1.09 -23.88 14.70
C VAL A 246 -0.03 -22.85 15.07
N GLY A 247 0.51 -22.96 16.28
CA GLY A 247 1.46 -21.97 16.77
C GLY A 247 2.76 -21.91 15.98
N THR A 248 3.43 -20.78 16.08
CA THR A 248 4.77 -20.62 15.50
C THR A 248 5.70 -19.92 16.48
N GLN A 249 7.00 -20.00 16.19
CA GLN A 249 7.98 -19.30 16.99
C GLN A 249 7.73 -17.79 16.96
N SER A 250 7.32 -17.27 15.81
CA SER A 250 7.10 -15.83 15.71
C SER A 250 5.97 -15.37 16.62
N ILE A 251 4.91 -16.18 16.69
CA ILE A 251 3.78 -15.85 17.57
C ILE A 251 4.25 -15.93 19.03
N ASP A 252 5.00 -16.98 19.36
CA ASP A 252 5.52 -17.14 20.71
C ASP A 252 6.32 -15.93 21.21
N MET A 253 7.18 -15.40 20.34
CA MET A 253 7.97 -14.21 20.69
C MET A 253 7.10 -12.95 20.87
N LEU A 254 6.02 -12.84 20.09
CA LEU A 254 5.09 -11.72 20.28
C LEU A 254 4.38 -11.87 21.63
N ALA A 255 4.02 -13.10 21.97
CA ALA A 255 3.43 -13.36 23.28
C ALA A 255 4.40 -13.01 24.38
N HIS A 256 5.66 -13.39 24.19
CA HIS A 256 6.71 -13.07 25.15
C HIS A 256 6.88 -11.55 25.33
N ARG A 257 6.88 -10.81 24.23
CA ARG A 257 7.11 -9.37 24.32
C ARG A 257 5.96 -8.65 25.00
N THR A 258 4.75 -9.17 24.87
CA THR A 258 3.58 -8.47 25.37
C THR A 258 3.09 -9.00 26.69
N GLY A 259 3.46 -10.24 27.00
CA GLY A 259 2.98 -10.88 28.21
C GLY A 259 1.56 -11.39 28.06
N VAL A 260 1.04 -11.34 26.84
CA VAL A 260 -0.31 -11.84 26.59
C VAL A 260 -0.23 -13.21 25.91
N SER A 261 -0.91 -14.20 26.47
CA SER A 261 -0.77 -15.56 25.94
C SER A 261 -1.57 -15.79 24.66
N VAL A 262 -1.13 -16.77 23.89
CA VAL A 262 -1.85 -17.19 22.68
C VAL A 262 -3.31 -17.56 23.00
N GLU A 263 -3.52 -18.27 24.12
CA GLU A 263 -4.86 -18.70 24.51
C GLU A 263 -5.76 -17.50 24.83
N GLN A 264 -5.17 -16.45 25.39
CA GLN A 264 -5.89 -15.20 25.59
C GLN A 264 -6.31 -14.55 24.27
N MET A 265 -5.40 -14.55 23.30
CA MET A 265 -5.71 -13.94 22.02
C MET A 265 -6.79 -14.73 21.27
N LEU A 266 -6.76 -16.05 21.38
CA LEU A 266 -7.77 -16.87 20.73
C LEU A 266 -9.15 -16.65 21.37
N ALA A 267 -9.15 -16.41 22.67
CA ALA A 267 -10.39 -16.08 23.38
C ALA A 267 -10.90 -14.71 22.93
N ALA A 268 -9.98 -13.78 22.72
CA ALA A 268 -10.33 -12.45 22.24
C ALA A 268 -10.99 -12.56 20.88
N ILE A 269 -10.42 -13.40 20.01
CA ILE A 269 -11.02 -13.62 18.69
C ILE A 269 -12.46 -14.10 18.78
N GLN A 270 -12.71 -15.07 19.67
CA GLN A 270 -14.07 -15.59 19.82
C GLN A 270 -15.04 -14.50 20.29
N SER A 271 -14.61 -13.67 21.22
N SER A 271 -14.60 -13.65 21.19
CA SER A 271 -15.45 -12.57 21.71
CA SER A 271 -15.45 -12.58 21.73
C SER A 271 -15.66 -11.51 20.64
C SER A 271 -15.65 -11.46 20.69
N LEU A 272 -14.57 -11.08 20.02
CA LEU A 272 -14.61 -10.03 19.01
C LEU A 272 -15.43 -10.44 17.79
N HIS A 273 -15.45 -11.74 17.49
CA HIS A 273 -16.23 -12.23 16.37
C HIS A 273 -17.71 -12.03 16.68
N ALA A 274 -18.07 -12.13 17.95
CA ALA A 274 -19.45 -11.90 18.36
C ALA A 274 -19.78 -10.40 18.31
N GLY A 275 -18.78 -9.56 18.44
CA GLY A 275 -18.99 -8.13 18.33
C GLY A 275 -17.89 -7.31 18.96
N PHE A 276 -17.67 -6.12 18.40
CA PHE A 276 -16.67 -5.20 18.93
C PHE A 276 -17.19 -4.23 20.00
N GLN A 277 -18.48 -4.31 20.30
CA GLN A 277 -19.04 -3.54 21.41
C GLN A 277 -18.78 -2.03 21.27
N GLY A 278 -18.94 -1.50 20.06
CA GLY A 278 -18.79 -0.07 19.82
C GLY A 278 -17.36 0.44 19.89
N LYS A 279 -16.41 -0.47 20.08
CA LYS A 279 -15.00 -0.09 20.20
C LYS A 279 -14.21 -0.43 18.93
N THR A 280 -13.00 0.09 18.84
CA THR A 280 -12.13 -0.18 17.70
C THR A 280 -10.78 -0.75 18.11
N ILE A 281 -10.16 -1.44 17.16
CA ILE A 281 -8.77 -1.90 17.31
C ILE A 281 -7.94 -1.36 16.15
N LEU A 282 -6.92 -0.55 16.44
CA LEU A 282 -6.08 0.02 15.40
C LEU A 282 -6.94 0.63 14.29
N GLY A 283 -7.97 1.36 14.70
CA GLY A 283 -8.84 2.05 13.77
C GLY A 283 -9.98 1.26 13.15
N GLN A 284 -10.07 -0.04 13.45
CA GLN A 284 -11.06 -0.89 12.78
C GLN A 284 -12.07 -1.50 13.76
N SER A 285 -13.26 -1.81 13.25
CA SER A 285 -14.27 -2.52 14.03
C SER A 285 -14.57 -3.88 13.43
N THR A 286 -13.60 -4.42 12.69
CA THR A 286 -13.69 -5.77 12.13
C THR A 286 -12.34 -6.43 12.30
N LEU A 287 -12.32 -7.75 12.39
CA LEU A 287 -11.04 -8.45 12.56
C LEU A 287 -10.23 -8.30 11.27
N GLU A 288 -8.94 -8.04 11.43
CA GLU A 288 -8.03 -7.90 10.30
C GLU A 288 -7.21 -9.18 10.15
N ASP A 289 -7.27 -9.85 9.01
CA ASP A 289 -6.51 -11.08 8.85
C ASP A 289 -5.50 -11.07 7.69
N GLU A 290 -5.13 -9.88 7.20
CA GLU A 290 -4.18 -9.86 6.06
C GLU A 290 -2.75 -9.45 6.41
N PHE A 291 -2.48 -9.21 7.69
CA PHE A 291 -1.09 -9.05 8.17
C PHE A 291 -0.56 -10.40 8.67
N THR A 292 0.53 -10.88 8.11
CA THR A 292 1.17 -12.08 8.65
C THR A 292 1.98 -11.74 9.90
N PRO A 293 2.34 -12.76 10.70
CA PRO A 293 3.27 -12.46 11.82
C PRO A 293 4.57 -11.78 11.34
N ASP A 294 5.10 -12.18 10.19
CA ASP A 294 6.30 -11.50 9.68
C ASP A 294 6.03 -10.03 9.35
N ASP A 295 4.88 -9.75 8.73
CA ASP A 295 4.52 -8.37 8.40
C ASP A 295 4.48 -7.51 9.66
N VAL A 296 3.85 -8.06 10.70
CA VAL A 296 3.75 -7.38 11.99
C VAL A 296 5.13 -7.16 12.57
N ASN A 297 5.95 -8.19 12.54
CA ASN A 297 7.29 -8.11 13.10
C ASN A 297 8.07 -6.95 12.51
N MET A 298 7.90 -6.72 11.23
CA MET A 298 8.70 -5.67 10.61
CA MET A 298 8.62 -5.65 10.53
C MET A 298 8.22 -4.29 11.08
N GLN A 299 6.95 -4.15 11.44
CA GLN A 299 6.44 -2.84 11.85
C GLN A 299 6.46 -2.63 13.37
N VAL A 300 6.86 -3.64 14.16
CA VAL A 300 7.04 -3.46 15.61
C VAL A 300 8.51 -3.67 16.01
N MET A 301 8.82 -3.57 17.30
CA MET A 301 10.18 -3.39 17.91
C MET A 301 10.18 -2.29 18.97
N GLY A 302 8.98 -1.81 19.29
CA GLY A 302 8.79 -0.98 20.44
C GLY A 302 8.79 -1.93 21.62
N VAL A 303 9.09 -1.37 22.78
CA VAL A 303 8.92 -2.06 24.05
C VAL A 303 7.44 -2.05 24.34
N VAL A 304 6.90 -3.16 24.87
CA VAL A 304 5.50 -3.10 25.29
C VAL A 304 5.50 -2.11 26.45
N MET A 305 4.44 -1.31 26.47
CA MET A 305 4.32 -0.13 27.27
C MET A 305 2.86 -0.19 27.64
N GLN A 306 2.60 -0.25 28.94
CA GLN A 306 1.23 -0.17 29.50
C GLN A 306 0.38 -1.45 29.34
N SER B 1 -12.96 -4.23 -10.83
CA SER B 1 -13.61 -3.73 -9.62
C SER B 1 -12.70 -3.91 -8.42
N GLY B 2 -13.19 -3.51 -7.25
CA GLY B 2 -12.39 -3.56 -6.03
C GLY B 2 -11.82 -2.19 -5.69
N LEU B 3 -11.62 -1.96 -4.40
CA LEU B 3 -11.03 -0.72 -3.91
C LEU B 3 -10.04 -1.05 -2.83
N VAL B 4 -8.77 -0.73 -3.07
CA VAL B 4 -7.72 -0.94 -2.10
C VAL B 4 -6.91 0.33 -1.91
N LYS B 5 -6.20 0.41 -0.80
CA LYS B 5 -5.28 1.51 -0.59
C LYS B 5 -4.11 1.35 -1.56
N MET B 6 -4.05 2.26 -2.54
CA MET B 6 -3.08 2.18 -3.63
CA MET B 6 -3.09 2.20 -3.64
C MET B 6 -2.00 3.26 -3.49
N SER B 7 -0.74 2.86 -3.65
CA SER B 7 0.35 3.83 -3.61
C SER B 7 0.93 4.05 -5.01
N ALA B 8 1.60 5.19 -5.23
CA ALA B 8 2.30 5.40 -6.49
C ALA B 8 3.54 4.51 -6.55
N PRO B 9 3.84 3.92 -7.72
CA PRO B 9 5.04 3.09 -7.83
C PRO B 9 6.29 3.86 -7.38
N SER B 10 7.22 3.19 -6.70
CA SER B 10 8.27 3.91 -5.95
C SER B 10 9.63 4.03 -6.63
N GLY B 11 9.81 3.40 -7.80
CA GLY B 11 11.13 3.27 -8.38
C GLY B 11 11.87 4.57 -8.57
N ALA B 12 11.16 5.57 -9.07
CA ALA B 12 11.78 6.86 -9.34
C ALA B 12 12.30 7.49 -8.05
N VAL B 13 11.57 7.26 -6.96
CA VAL B 13 11.97 7.79 -5.66
C VAL B 13 13.09 6.95 -5.02
N GLU B 14 13.02 5.64 -5.20
CA GLU B 14 14.05 4.75 -4.69
C GLU B 14 15.45 5.17 -5.14
N ASN B 15 15.58 5.59 -6.40
CA ASN B 15 16.87 6.02 -6.94
C ASN B 15 17.44 7.28 -6.27
N CYS B 16 16.65 7.92 -5.41
CA CYS B 16 17.06 9.19 -4.79
C CYS B 16 17.31 9.09 -3.30
N ILE B 17 17.15 7.90 -2.72
CA ILE B 17 17.32 7.75 -1.28
C ILE B 17 18.78 7.52 -0.92
N VAL B 18 19.28 8.26 0.07
CA VAL B 18 20.64 8.05 0.55
C VAL B 18 20.65 7.94 2.05
N GLN B 19 21.79 7.55 2.62
CA GLN B 19 21.97 7.53 4.06
C GLN B 19 22.77 8.75 4.50
N VAL B 20 22.33 9.45 5.55
CA VAL B 20 23.10 10.58 6.06
C VAL B 20 23.49 10.31 7.51
N THR B 21 24.75 10.55 7.83
CA THR B 21 25.20 10.39 9.21
C THR B 21 25.86 11.67 9.70
N CYS B 22 25.53 12.05 10.93
CA CYS B 22 26.19 13.15 11.61
C CYS B 22 26.45 12.74 13.05
N GLY B 23 27.72 12.62 13.43
CA GLY B 23 28.07 12.10 14.74
C GLY B 23 27.63 10.64 14.82
N SER B 24 26.82 10.31 15.82
CA SER B 24 26.36 8.93 15.93
C SER B 24 24.90 8.78 15.50
N MET B 25 24.31 9.83 14.95
CA MET B 25 22.95 9.74 14.44
C MET B 25 22.97 9.47 12.94
N THR B 26 22.26 8.44 12.52
CA THR B 26 22.11 8.21 11.10
C THR B 26 20.63 8.15 10.75
N LEU B 27 20.30 8.59 9.54
CA LEU B 27 18.92 8.61 9.05
C LEU B 27 18.93 8.75 7.52
N ASN B 28 17.77 8.99 6.93
CA ASN B 28 17.65 8.98 5.49
C ASN B 28 17.65 10.37 4.89
N GLY B 29 18.15 10.49 3.66
CA GLY B 29 18.09 11.76 2.97
C GLY B 29 17.57 11.56 1.56
N LEU B 30 17.17 12.65 0.93
CA LEU B 30 16.70 12.63 -0.44
C LEU B 30 17.71 13.37 -1.32
N TRP B 31 18.23 12.67 -2.33
CA TRP B 31 19.28 13.20 -3.22
C TRP B 31 18.70 13.58 -4.58
N LEU B 32 18.65 14.88 -4.84
CA LEU B 32 18.18 15.42 -6.12
C LEU B 32 19.21 16.38 -6.68
N ASP B 33 19.66 16.14 -7.91
CA ASP B 33 20.72 16.96 -8.52
C ASP B 33 21.90 16.97 -7.54
N ASN B 34 22.38 18.15 -7.13
CA ASN B 34 23.51 18.22 -6.20
C ASN B 34 23.10 18.49 -4.76
N THR B 35 21.85 18.18 -4.45
CA THR B 35 21.30 18.52 -3.14
C THR B 35 20.89 17.27 -2.39
N VAL B 36 21.16 17.25 -1.09
CA VAL B 36 20.64 16.19 -0.23
C VAL B 36 19.87 16.85 0.88
N TRP B 37 18.62 16.46 1.02
CA TRP B 37 17.75 16.92 2.11
C TRP B 37 17.68 15.93 3.26
N CYS B 38 17.69 16.42 4.49
CA CYS B 38 17.43 15.54 5.64
C CYS B 38 16.95 16.38 6.81
N PRO B 39 16.31 15.73 7.80
CA PRO B 39 15.83 16.49 8.96
C PRO B 39 16.97 17.12 9.71
N ARG B 40 16.76 18.32 10.23
CA ARG B 40 17.88 19.00 10.87
C ARG B 40 18.22 18.38 12.23
N HIS B 41 17.33 17.54 12.77
CA HIS B 41 17.62 16.96 14.07
C HIS B 41 18.71 15.89 13.99
N ILE B 42 19.19 15.60 12.79
CA ILE B 42 20.36 14.73 12.67
C ILE B 42 21.57 15.36 13.38
N MET B 43 21.58 16.68 13.55
CA MET B 43 22.70 17.35 14.23
C MET B 43 22.64 17.27 15.75
N CYS B 44 21.51 16.83 16.29
N CYS B 44 21.50 16.80 16.26
CA CYS B 44 21.29 16.93 17.74
CA CYS B 44 21.26 16.75 17.70
C CYS B 44 21.81 15.71 18.51
C CYS B 44 21.99 15.63 18.41
N PRO B 45 22.70 15.97 19.49
CA PRO B 45 23.19 14.94 20.42
C PRO B 45 21.99 14.39 21.18
N ALA B 46 22.01 13.10 21.52
CA ALA B 46 20.90 12.45 22.22
C ALA B 46 20.45 13.21 23.47
N ASP B 47 21.38 13.90 24.12
CA ASP B 47 21.09 14.50 25.41
C ASP B 47 20.52 15.93 25.32
N GLN B 48 20.36 16.43 24.10
CA GLN B 48 19.85 17.78 23.91
C GLN B 48 18.57 17.77 23.05
N LEU B 49 17.96 16.60 22.94
CA LEU B 49 16.77 16.42 22.11
C LEU B 49 15.54 17.14 22.66
N THR B 50 15.57 17.51 23.93
CA THR B 50 14.47 18.25 24.53
C THR B 50 14.48 19.72 24.14
N ASP B 51 15.66 20.32 24.04
CA ASP B 51 15.73 21.71 23.65
C ASP B 51 16.97 22.01 22.82
N PRO B 52 16.96 21.55 21.56
CA PRO B 52 18.17 21.72 20.75
C PRO B 52 18.33 23.18 20.34
N ASN B 53 19.57 23.64 20.32
CA ASN B 53 19.86 24.93 19.75
C ASN B 53 20.35 24.74 18.32
N TYR B 54 19.41 24.67 17.39
CA TYR B 54 19.77 24.31 16.03
C TYR B 54 20.73 25.29 15.35
N ASP B 55 20.67 26.56 15.73
CA ASP B 55 21.54 27.56 15.13
C ASP B 55 22.99 27.37 15.61
N ALA B 56 23.16 27.08 16.89
CA ALA B 56 24.49 26.78 17.43
C ALA B 56 25.00 25.43 16.90
N LEU B 57 24.11 24.45 16.82
CA LEU B 57 24.48 23.15 16.25
C LEU B 57 24.99 23.33 14.85
N LEU B 58 24.28 24.11 14.05
CA LEU B 58 24.68 24.34 12.66
C LEU B 58 26.11 24.90 12.57
N ILE B 59 26.41 25.89 13.41
CA ILE B 59 27.72 26.51 13.42
C ILE B 59 28.84 25.53 13.82
N SER B 60 28.55 24.65 14.78
CA SER B 60 29.55 23.70 15.27
C SER B 60 29.89 22.61 14.26
N LYS B 61 28.98 22.39 13.30
CA LYS B 61 29.20 21.38 12.28
C LYS B 61 30.00 21.95 11.12
N THR B 62 30.77 21.06 10.51
CA THR B 62 31.55 21.33 9.32
CA THR B 62 31.51 21.37 9.30
C THR B 62 30.93 20.54 8.17
N ASN B 63 31.32 20.82 6.94
CA ASN B 63 30.89 19.96 5.84
C ASN B 63 31.33 18.52 6.10
N HIS B 64 32.49 18.36 6.74
CA HIS B 64 33.01 17.03 6.98
C HIS B 64 32.25 16.29 8.07
N SER B 65 31.41 17.01 8.80
CA SER B 65 30.62 16.39 9.85
CA SER B 65 30.59 16.42 9.85
C SER B 65 29.55 15.48 9.26
N PHE B 66 29.25 15.66 7.97
CA PHE B 66 28.16 14.93 7.34
C PHE B 66 28.66 13.91 6.36
N ILE B 67 28.36 12.65 6.64
CA ILE B 67 28.68 11.54 5.76
C ILE B 67 27.44 11.07 5.00
N VAL B 68 27.50 11.15 3.67
CA VAL B 68 26.37 10.80 2.83
C VAL B 68 26.76 9.63 1.94
N GLN B 69 25.97 8.56 1.98
CA GLN B 69 26.29 7.39 1.19
C GLN B 69 25.07 6.87 0.44
N LYS B 70 25.26 6.48 -0.81
CA LYS B 70 24.22 5.75 -1.53
C LYS B 70 24.54 4.27 -1.47
N HIS B 71 23.62 3.50 -0.91
CA HIS B 71 23.85 2.07 -0.63
C HIS B 71 23.21 1.12 -1.62
N ILE B 72 22.26 1.63 -2.41
CA ILE B 72 21.55 0.79 -3.35
C ILE B 72 21.93 1.21 -4.77
N GLY B 73 21.66 0.34 -5.74
CA GLY B 73 21.99 0.61 -7.14
C GLY B 73 23.44 1.04 -7.32
N ALA B 74 23.64 2.11 -8.10
CA ALA B 74 24.97 2.67 -8.28
C ALA B 74 25.47 3.26 -6.97
N GLN B 75 26.20 2.46 -6.19
CA GLN B 75 26.70 2.88 -4.89
C GLN B 75 27.67 4.05 -4.99
N ALA B 76 27.66 4.91 -3.97
CA ALA B 76 28.48 6.12 -4.00
C ALA B 76 28.72 6.70 -2.60
N ASN B 77 29.89 7.29 -2.41
CA ASN B 77 30.14 8.13 -1.25
C ASN B 77 30.17 9.57 -1.71
N LEU B 78 29.28 10.39 -1.16
CA LEU B 78 29.09 11.73 -1.68
C LEU B 78 29.71 12.76 -0.75
N ARG B 79 30.57 13.60 -1.30
CA ARG B 79 31.25 14.61 -0.50
C ARG B 79 30.39 15.85 -0.32
N VAL B 80 30.19 16.26 0.93
CA VAL B 80 29.40 17.47 1.22
C VAL B 80 30.28 18.71 1.06
N VAL B 81 29.81 19.69 0.30
CA VAL B 81 30.59 20.90 0.07
C VAL B 81 29.88 22.16 0.55
N ALA B 82 28.65 22.01 1.01
CA ALA B 82 27.97 23.11 1.67
C ALA B 82 26.84 22.54 2.53
N HIS B 83 26.46 23.28 3.57
CA HIS B 83 25.31 22.90 4.39
C HIS B 83 24.59 24.15 4.86
N SER B 84 23.26 24.14 4.79
CA SER B 84 22.51 25.26 5.31
C SER B 84 21.16 24.81 5.84
N MET B 85 20.55 25.66 6.66
CA MET B 85 19.26 25.30 7.21
C MET B 85 18.10 25.81 6.40
N VAL B 86 17.07 24.98 6.32
CA VAL B 86 15.86 25.28 5.59
C VAL B 86 14.72 24.88 6.50
N GLY B 87 14.28 25.79 7.36
CA GLY B 87 13.28 25.44 8.38
C GLY B 87 13.76 24.26 9.20
N VAL B 88 12.96 23.19 9.24
CA VAL B 88 13.32 22.02 10.04
C VAL B 88 14.12 20.99 9.23
N LEU B 89 14.58 21.40 8.05
CA LEU B 89 15.44 20.58 7.20
C LEU B 89 16.86 21.11 7.15
N LEU B 90 17.80 20.21 6.89
CA LEU B 90 19.14 20.56 6.44
C LEU B 90 19.19 20.37 4.94
N LYS B 91 19.78 21.34 4.25
CA LYS B 91 20.04 21.24 2.84
C LYS B 91 21.54 21.07 2.64
N LEU B 92 21.96 19.88 2.26
CA LEU B 92 23.37 19.64 1.99
C LEU B 92 23.60 19.78 0.50
N THR B 93 24.69 20.42 0.11
CA THR B 93 25.11 20.39 -1.28
C THR B 93 26.24 19.36 -1.42
N VAL B 94 26.12 18.47 -2.40
CA VAL B 94 27.16 17.46 -2.64
C VAL B 94 27.82 17.68 -4.00
N ASP B 95 28.98 17.05 -4.21
CA ASP B 95 29.79 17.37 -5.39
C ASP B 95 29.39 16.56 -6.63
N VAL B 96 28.51 15.58 -6.47
CA VAL B 96 28.01 14.81 -7.59
C VAL B 96 26.49 14.97 -7.72
N ALA B 97 26.04 15.22 -8.94
CA ALA B 97 24.62 15.27 -9.23
C ALA B 97 24.10 13.84 -9.33
N ASN B 98 22.93 13.59 -8.75
CA ASN B 98 22.30 12.29 -8.88
C ASN B 98 21.92 12.06 -10.33
N PRO B 99 22.56 11.08 -10.98
CA PRO B 99 22.28 10.83 -12.39
C PRO B 99 20.86 10.32 -12.63
N SER B 100 20.21 9.85 -11.58
CA SER B 100 18.85 9.32 -11.70
C SER B 100 17.81 10.27 -11.10
N THR B 101 18.11 11.57 -11.09
CA THR B 101 17.12 12.54 -10.64
C THR B 101 15.93 12.55 -11.61
N PRO B 102 14.71 12.30 -11.09
CA PRO B 102 13.50 12.37 -11.91
C PRO B 102 13.09 13.81 -12.15
N ALA B 103 12.24 14.07 -13.14
CA ALA B 103 11.58 15.36 -13.20
C ALA B 103 10.80 15.50 -11.91
N TYR B 104 10.88 16.65 -11.27
CA TYR B 104 10.22 16.76 -9.97
C TYR B 104 9.74 18.16 -9.63
N THR B 105 8.81 18.22 -8.69
CA THR B 105 8.31 19.46 -8.12
C THR B 105 8.21 19.29 -6.61
N PHE B 106 7.99 20.39 -5.90
CA PHE B 106 7.70 20.37 -4.46
C PHE B 106 6.31 20.94 -4.28
N SER B 107 5.52 20.40 -3.34
CA SER B 107 4.32 21.11 -2.92
C SER B 107 3.98 20.77 -1.49
N THR B 108 3.16 21.58 -0.86
CA THR B 108 2.65 21.32 0.48
CA THR B 108 2.68 21.28 0.49
C THR B 108 1.19 20.95 0.40
N VAL B 109 0.83 19.75 0.85
CA VAL B 109 -0.55 19.28 0.75
C VAL B 109 -1.42 19.83 1.86
N LYS B 110 -2.74 19.77 1.66
CA LYS B 110 -3.69 20.31 2.63
C LYS B 110 -4.36 19.15 3.34
N PRO B 111 -4.93 19.40 4.53
CA PRO B 111 -5.62 18.32 5.22
C PRO B 111 -6.69 17.70 4.34
N GLY B 112 -6.80 16.38 4.37
CA GLY B 112 -7.69 15.66 3.50
C GLY B 112 -7.02 15.10 2.24
N ALA B 113 -5.80 15.50 1.96
CA ALA B 113 -5.10 15.01 0.75
C ALA B 113 -4.34 13.73 1.03
N SER B 114 -4.23 12.86 0.03
N SER B 114 -4.25 12.86 0.03
CA SER B 114 -3.46 11.64 0.18
CA SER B 114 -3.47 11.63 0.12
C SER B 114 -2.12 11.73 -0.55
C SER B 114 -2.08 11.79 -0.51
N PHE B 115 -1.14 10.96 -0.06
CA PHE B 115 0.14 10.85 -0.74
C PHE B 115 0.79 9.52 -0.37
N SER B 116 1.75 9.11 -1.17
CA SER B 116 2.45 7.86 -0.97
C SER B 116 3.69 8.10 -0.15
N VAL B 117 4.09 7.11 0.64
CA VAL B 117 5.29 7.23 1.44
C VAL B 117 6.24 6.08 1.14
N LEU B 118 7.49 6.39 0.87
CA LEU B 118 8.51 5.38 0.76
C LEU B 118 9.25 5.33 2.09
N ALA B 119 8.93 4.33 2.91
CA ALA B 119 9.61 4.14 4.17
C ALA B 119 11.03 3.66 3.90
N CYS B 120 11.98 4.28 4.60
CA CYS B 120 13.40 3.97 4.44
C CYS B 120 14.05 3.72 5.80
N TYR B 121 15.16 3.00 5.78
CA TYR B 121 15.90 2.71 7.00
C TYR B 121 17.38 2.57 6.65
N ASN B 122 18.25 3.31 7.36
CA ASN B 122 19.68 3.38 7.03
C ASN B 122 19.98 3.64 5.56
N GLY B 123 19.14 4.46 4.93
CA GLY B 123 19.35 4.81 3.54
C GLY B 123 18.86 3.76 2.56
N LYS B 124 18.12 2.76 3.05
CA LYS B 124 17.58 1.74 2.16
C LYS B 124 16.06 1.78 2.12
N PRO B 125 15.45 1.87 0.93
CA PRO B 125 13.98 1.79 0.89
C PRO B 125 13.51 0.45 1.44
N THR B 126 12.46 0.46 2.24
CA THR B 126 12.01 -0.77 2.86
CA THR B 126 12.00 -0.77 2.85
C THR B 126 10.53 -1.05 2.60
N GLY B 127 9.75 -0.01 2.33
CA GLY B 127 8.34 -0.26 2.16
C GLY B 127 7.58 0.92 1.60
N VAL B 128 6.42 0.65 1.02
CA VAL B 128 5.61 1.69 0.41
C VAL B 128 4.20 1.65 0.96
N PHE B 129 3.65 2.82 1.31
CA PHE B 129 2.28 2.86 1.79
C PHE B 129 1.68 4.24 1.52
N THR B 130 0.37 4.36 1.67
N THR B 130 0.36 4.35 1.61
CA THR B 130 -0.30 5.64 1.42
CA THR B 130 -0.25 5.67 1.48
C THR B 130 -0.95 6.18 2.70
C THR B 130 -0.80 6.18 2.79
N VAL B 131 -0.85 7.49 2.90
CA VAL B 131 -1.49 8.14 4.04
C VAL B 131 -2.35 9.30 3.57
N ASN B 132 -3.06 9.89 4.52
CA ASN B 132 -3.89 11.06 4.26
C ASN B 132 -3.54 12.09 5.33
N LEU B 133 -3.33 13.35 4.95
CA LEU B 133 -3.01 14.37 5.95
C LEU B 133 -4.27 14.59 6.78
N ARG B 134 -4.20 14.33 8.08
CA ARG B 134 -5.38 14.43 8.95
C ARG B 134 -5.81 15.88 9.16
N HIS B 135 -6.97 16.07 9.79
CA HIS B 135 -7.48 17.43 9.99
C HIS B 135 -6.53 18.29 10.84
N ASN B 136 -5.79 17.65 11.76
CA ASN B 136 -4.80 18.35 12.58
C ASN B 136 -3.41 18.33 11.99
N SER B 137 -3.33 18.02 10.70
CA SER B 137 -2.09 17.98 9.94
C SER B 137 -1.04 17.04 10.53
N THR B 138 -1.51 15.94 11.11
CA THR B 138 -0.64 14.80 11.40
C THR B 138 -0.89 13.74 10.32
N ILE B 139 -0.09 12.68 10.30
CA ILE B 139 -0.47 11.51 9.50
C ILE B 139 -0.46 10.28 10.38
N LYS B 140 -1.27 9.30 9.97
CA LYS B 140 -1.35 8.03 10.66
C LYS B 140 -0.59 7.00 9.85
N GLY B 141 0.69 6.89 10.13
CA GLY B 141 1.54 6.08 9.30
C GLY B 141 2.14 4.95 10.09
N SER B 142 3.29 4.50 9.62
CA SER B 142 4.04 3.46 10.29
C SER B 142 5.51 3.79 10.09
N PHE B 143 6.15 4.21 11.17
CA PHE B 143 7.53 4.68 11.13
C PHE B 143 8.26 4.25 12.39
N LEU B 144 9.56 3.96 12.24
CA LEU B 144 10.44 3.68 13.36
C LEU B 144 11.44 4.83 13.45
N CYS B 145 12.31 4.89 14.46
CA CYS B 145 13.11 6.11 14.59
C CYS B 145 14.12 6.27 13.46
N GLY B 146 14.64 5.15 12.98
CA GLY B 146 15.57 5.18 11.87
C GLY B 146 14.89 5.52 10.56
N SER B 147 13.57 5.74 10.60
CA SER B 147 12.82 6.05 9.39
CA SER B 147 12.79 6.05 9.40
C SER B 147 12.76 7.54 9.10
N CYS B 148 13.33 8.36 9.99
CA CYS B 148 13.38 9.81 9.77
C CYS B 148 14.06 10.07 8.44
N GLY B 149 13.54 11.01 7.67
CA GLY B 149 14.06 11.24 6.33
C GLY B 149 13.27 10.49 5.27
N SER B 150 12.40 9.55 5.67
CA SER B 150 11.56 8.85 4.68
C SER B 150 10.69 9.84 3.92
N VAL B 151 10.32 9.48 2.69
CA VAL B 151 9.83 10.51 1.76
C VAL B 151 8.38 10.30 1.32
N GLY B 152 7.58 11.36 1.38
CA GLY B 152 6.23 11.34 0.86
C GLY B 152 6.12 12.06 -0.47
N TYR B 153 5.31 11.52 -1.38
CA TYR B 153 5.28 12.00 -2.75
C TYR B 153 3.98 11.63 -3.46
N THR B 154 3.70 12.35 -4.55
CA THR B 154 2.66 11.94 -5.49
C THR B 154 3.28 11.91 -6.89
N GLU B 155 2.54 11.41 -7.85
CA GLU B 155 2.96 11.43 -9.26
C GLU B 155 2.00 12.30 -10.09
N ASN B 156 2.53 13.17 -10.93
CA ASN B 156 1.72 13.99 -11.86
C ASN B 156 2.29 14.08 -13.27
N GLY B 157 2.11 13.05 -14.07
CA GLY B 157 2.52 13.10 -15.45
C GLY B 157 4.01 12.88 -15.68
N GLY B 158 4.55 11.83 -15.08
CA GLY B 158 5.97 11.57 -15.22
C GLY B 158 6.78 12.59 -14.42
N VAL B 159 6.12 13.26 -13.49
CA VAL B 159 6.81 14.18 -12.58
C VAL B 159 6.54 13.70 -11.16
N ILE B 160 7.59 13.60 -10.35
CA ILE B 160 7.43 13.25 -8.95
C ILE B 160 7.23 14.54 -8.15
N ASN B 161 6.15 14.60 -7.40
CA ASN B 161 5.87 15.77 -6.57
C ASN B 161 6.19 15.41 -5.12
N PHE B 162 7.28 15.96 -4.60
CA PHE B 162 7.70 15.64 -3.25
C PHE B 162 6.96 16.53 -2.25
N VAL B 163 6.35 15.92 -1.24
CA VAL B 163 5.46 16.68 -0.35
C VAL B 163 5.75 16.48 1.13
N TYR B 164 6.62 15.52 1.48
CA TYR B 164 6.78 15.15 2.89
C TYR B 164 8.13 14.51 3.14
N MET B 165 8.78 14.93 4.23
CA MET B 165 9.94 14.22 4.72
C MET B 165 9.71 13.93 6.20
N HIS B 166 9.81 12.66 6.57
CA HIS B 166 9.39 12.27 7.91
C HIS B 166 10.30 12.85 8.97
N GLN B 167 9.69 13.43 10.02
CA GLN B 167 10.46 14.10 11.07
C GLN B 167 10.35 13.44 12.43
N MET B 168 9.14 13.07 12.83
CA MET B 168 8.93 12.64 14.21
C MET B 168 7.67 11.84 14.47
N GLU B 169 7.67 11.10 15.59
CA GLU B 169 6.47 10.45 16.08
C GLU B 169 5.96 11.23 17.28
N LEU B 170 4.68 11.61 17.24
CA LEU B 170 4.07 12.46 18.26
C LEU B 170 3.44 11.63 19.38
N SER B 171 2.85 10.51 19.00
CA SER B 171 2.25 9.54 19.92
C SER B 171 2.06 8.24 19.14
N ASN B 172 1.48 7.21 19.76
CA ASN B 172 1.34 5.93 19.07
C ASN B 172 0.64 6.09 17.73
N GLY B 173 1.27 5.59 16.68
CA GLY B 173 0.69 5.66 15.34
C GLY B 173 0.42 7.04 14.79
N THR B 174 1.03 8.08 15.39
CA THR B 174 0.76 9.44 14.95
C THR B 174 2.05 10.19 14.66
N HIS B 175 2.16 10.72 13.44
CA HIS B 175 3.43 11.19 12.92
C HIS B 175 3.30 12.55 12.27
N THR B 176 4.40 13.29 12.18
CA THR B 176 4.40 14.41 11.26
C THR B 176 5.80 14.61 10.65
N GLY B 177 5.87 15.55 9.74
CA GLY B 177 7.09 15.75 8.99
C GLY B 177 6.96 17.10 8.34
N SER B 178 7.86 17.43 7.42
CA SER B 178 7.82 18.75 6.79
C SER B 178 7.71 18.63 5.29
N SER B 179 7.17 19.67 4.66
CA SER B 179 7.31 19.79 3.23
C SER B 179 8.73 20.27 2.95
N PHE B 180 9.12 20.34 1.68
CA PHE B 180 10.51 20.60 1.40
C PHE B 180 10.85 22.09 1.37
N ASP B 181 9.88 22.92 1.73
CA ASP B 181 10.18 24.31 2.08
C ASP B 181 10.72 24.34 3.52
N GLY B 182 10.66 23.20 4.20
CA GLY B 182 11.15 23.10 5.56
C GLY B 182 10.11 23.51 6.60
N VAL B 183 8.86 23.61 6.17
CA VAL B 183 7.78 23.95 7.10
C VAL B 183 7.15 22.68 7.63
N MET B 184 7.14 22.52 8.95
CA MET B 184 6.55 21.33 9.56
C MET B 184 5.05 21.31 9.35
N TYR B 185 4.50 20.16 8.96
CA TYR B 185 3.05 20.03 8.91
C TYR B 185 2.47 20.10 10.32
N GLY B 186 1.50 20.98 10.50
CA GLY B 186 0.83 21.11 11.77
C GLY B 186 1.59 21.97 12.75
N ALA B 187 1.01 22.13 13.92
CA ALA B 187 1.55 22.93 15.00
C ALA B 187 2.60 22.16 15.78
N PHE B 188 3.69 21.76 15.14
CA PHE B 188 4.66 20.94 15.84
C PHE B 188 6.10 21.39 15.63
N GLU B 189 6.85 21.32 16.73
CA GLU B 189 8.25 21.71 16.71
C GLU B 189 9.11 20.45 16.76
N ASP B 190 10.28 20.52 16.14
CA ASP B 190 11.18 19.37 16.11
C ASP B 190 12.04 19.35 17.38
N LYS B 191 11.37 19.05 18.50
CA LYS B 191 12.04 18.81 19.76
C LYS B 191 11.29 17.70 20.50
N GLN B 192 12.01 17.03 21.40
CA GLN B 192 11.44 15.90 22.13
C GLN B 192 10.70 16.40 23.37
N THR B 193 9.53 16.96 23.12
CA THR B 193 8.63 17.42 24.19
C THR B 193 7.23 16.96 23.81
N HIS B 194 6.40 16.67 24.80
CA HIS B 194 5.02 16.33 24.49
C HIS B 194 4.34 17.60 23.97
N GLN B 195 3.68 17.47 22.83
CA GLN B 195 3.01 18.61 22.23
C GLN B 195 1.52 18.29 22.06
N LEU B 196 0.70 19.32 22.21
CA LEU B 196 -0.74 19.18 22.10
C LEU B 196 -1.15 18.95 20.65
N GLN B 197 -1.96 17.91 20.42
CA GLN B 197 -2.57 17.71 19.12
C GLN B 197 -4.00 18.29 19.12
N LEU B 198 -4.27 19.22 18.20
CA LEU B 198 -5.64 19.68 17.97
C LEU B 198 -6.52 18.47 17.61
N THR B 199 -7.81 18.59 17.85
CA THR B 199 -8.69 17.44 17.68
C THR B 199 -8.86 17.08 16.20
N ASP B 200 -8.75 15.79 15.89
CA ASP B 200 -8.91 15.32 14.52
C ASP B 200 -10.39 15.31 14.15
N LYS B 201 -10.68 15.26 12.86
CA LYS B 201 -12.05 15.13 12.37
C LYS B 201 -12.12 14.12 11.22
N TYR B 202 -13.30 13.56 10.99
CA TYR B 202 -13.57 12.81 9.77
C TYR B 202 -13.62 13.76 8.58
N CYS B 203 -12.86 13.49 7.54
CA CYS B 203 -12.89 14.29 6.33
C CYS B 203 -14.15 13.91 5.55
N THR B 204 -15.18 14.75 5.63
CA THR B 204 -16.48 14.40 5.06
C THR B 204 -16.45 14.08 3.57
N ILE B 205 -15.77 14.89 2.78
CA ILE B 205 -15.79 14.69 1.33
C ILE B 205 -15.11 13.37 0.95
N ASN B 206 -14.14 12.94 1.75
CA ASN B 206 -13.51 11.66 1.50
C ASN B 206 -14.47 10.50 1.82
N VAL B 207 -15.20 10.62 2.91
CA VAL B 207 -16.18 9.60 3.28
C VAL B 207 -17.23 9.49 2.19
N VAL B 208 -17.68 10.64 1.69
CA VAL B 208 -18.64 10.67 0.61
C VAL B 208 -18.10 9.91 -0.61
N ALA B 209 -16.85 10.20 -0.97
CA ALA B 209 -16.21 9.54 -2.12
C ALA B 209 -16.15 8.03 -1.92
N TRP B 210 -15.84 7.61 -0.69
CA TRP B 210 -15.79 6.20 -0.35
C TRP B 210 -17.15 5.52 -0.47
N LEU B 211 -18.20 6.23 -0.03
CA LEU B 211 -19.54 5.70 -0.16
C LEU B 211 -19.91 5.53 -1.64
N TYR B 212 -19.50 6.48 -2.47
CA TYR B 212 -19.76 6.37 -3.91
C TYR B 212 -19.03 5.16 -4.51
N ALA B 213 -17.77 4.97 -4.12
CA ALA B 213 -16.99 3.80 -4.53
C ALA B 213 -17.69 2.50 -4.16
N ALA B 214 -18.31 2.49 -2.97
CA ALA B 214 -19.05 1.33 -2.51
C ALA B 214 -20.21 1.01 -3.45
N VAL B 215 -21.00 2.03 -3.76
CA VAL B 215 -22.14 1.86 -4.65
C VAL B 215 -21.68 1.38 -6.03
N LEU B 216 -20.60 1.95 -6.55
CA LEU B 216 -20.04 1.51 -7.82
C LEU B 216 -19.50 0.09 -7.74
N ASN B 217 -19.33 -0.43 -6.53
CA ASN B 217 -18.91 -1.82 -6.35
C ASN B 217 -20.05 -2.71 -5.84
N GLY B 218 -21.28 -2.24 -6.03
CA GLY B 218 -22.45 -3.03 -5.73
C GLY B 218 -22.84 -3.11 -4.27
N CYS B 219 -22.28 -2.22 -3.46
CA CYS B 219 -22.66 -2.14 -2.05
C CYS B 219 -23.55 -0.92 -1.87
N LYS B 220 -24.84 -1.16 -1.61
CA LYS B 220 -25.83 -0.09 -1.70
C LYS B 220 -26.86 -0.03 -0.57
N TRP B 221 -26.78 -0.93 0.40
CA TRP B 221 -27.79 -1.04 1.44
C TRP B 221 -27.96 0.24 2.26
N PHE B 222 -26.90 1.04 2.35
CA PHE B 222 -26.94 2.24 3.18
C PHE B 222 -27.61 3.42 2.49
N VAL B 223 -27.88 3.27 1.20
CA VAL B 223 -28.54 4.34 0.44
C VAL B 223 -30.06 4.31 0.65
N LYS B 224 -30.62 5.41 1.14
CA LYS B 224 -32.06 5.56 1.36
C LYS B 224 -32.57 6.73 0.54
N PRO B 225 -33.91 6.93 0.49
CA PRO B 225 -34.39 8.17 -0.13
C PRO B 225 -34.07 9.38 0.73
N THR B 226 -33.91 9.17 2.04
CA THR B 226 -33.56 10.23 3.00
C THR B 226 -32.49 11.17 2.48
N ARG B 227 -32.75 12.46 2.56
CA ARG B 227 -31.75 13.46 2.18
C ARG B 227 -31.51 14.41 3.34
N VAL B 228 -30.34 15.02 3.35
CA VAL B 228 -30.03 16.11 4.27
C VAL B 228 -29.28 17.18 3.52
N GLY B 229 -29.81 18.41 3.55
CA GLY B 229 -29.19 19.52 2.85
C GLY B 229 -27.78 19.78 3.34
N ILE B 230 -26.97 20.40 2.48
CA ILE B 230 -25.58 20.68 2.81
C ILE B 230 -25.46 21.62 4.01
N VAL B 231 -26.25 22.69 4.02
CA VAL B 231 -26.19 23.65 5.12
C VAL B 231 -26.52 22.97 6.46
N THR B 232 -27.52 22.10 6.44
CA THR B 232 -27.93 21.38 7.65
C THR B 232 -26.86 20.42 8.13
N TYR B 233 -26.28 19.66 7.19
CA TYR B 233 -25.22 18.71 7.51
C TYR B 233 -24.05 19.42 8.16
N ASN B 234 -23.68 20.57 7.60
CA ASN B 234 -22.53 21.29 8.10
C ASN B 234 -22.75 21.81 9.51
N GLU B 235 -23.99 22.17 9.83
CA GLU B 235 -24.31 22.52 11.22
C GLU B 235 -24.07 21.31 12.10
N TRP B 236 -24.56 20.17 11.65
CA TRP B 236 -24.42 18.90 12.36
C TRP B 236 -22.95 18.50 12.49
N ALA B 237 -22.18 18.76 11.43
CA ALA B 237 -20.79 18.32 11.35
C ALA B 237 -19.95 18.99 12.44
N LEU B 238 -20.18 20.28 12.63
CA LEU B 238 -19.49 21.07 13.65
C LEU B 238 -19.58 20.49 15.07
N SER B 239 -20.65 19.76 15.36
CA SER B 239 -20.84 19.21 16.69
C SER B 239 -20.51 17.74 16.76
N ASN B 240 -20.09 17.17 15.65
CA ASN B 240 -19.87 15.72 15.59
C ASN B 240 -18.52 15.31 14.99
N GLN B 241 -17.58 16.24 14.96
CA GLN B 241 -16.20 15.98 14.52
C GLN B 241 -16.09 15.52 13.08
N PHE B 242 -16.89 16.11 12.20
CA PHE B 242 -16.74 15.94 10.75
C PHE B 242 -16.36 17.30 10.18
N THR B 243 -15.60 17.33 9.09
CA THR B 243 -15.33 18.57 8.39
C THR B 243 -16.58 19.03 7.66
N GLU B 244 -16.64 20.32 7.32
CA GLU B 244 -17.76 20.82 6.55
C GLU B 244 -17.67 20.30 5.12
N PHE B 245 -18.83 20.06 4.51
CA PHE B 245 -18.84 19.62 3.12
C PHE B 245 -18.83 20.81 2.17
N VAL B 246 -17.84 20.84 1.29
CA VAL B 246 -17.87 21.77 0.16
C VAL B 246 -17.84 20.96 -1.13
N GLY B 247 -18.83 21.16 -2.00
CA GLY B 247 -18.94 20.40 -3.22
C GLY B 247 -17.81 20.61 -4.20
N THR B 248 -17.53 19.59 -5.01
CA THR B 248 -16.55 19.68 -6.09
C THR B 248 -17.07 18.98 -7.35
N GLN B 249 -16.46 19.25 -8.49
CA GLN B 249 -16.84 18.58 -9.74
C GLN B 249 -16.68 17.07 -9.64
N SER B 250 -15.58 16.63 -9.05
CA SER B 250 -15.33 15.19 -8.90
C SER B 250 -16.46 14.49 -8.16
N ILE B 251 -16.94 15.10 -7.08
CA ILE B 251 -18.03 14.52 -6.32
C ILE B 251 -19.31 14.53 -7.14
N ASP B 252 -19.56 15.64 -7.83
CA ASP B 252 -20.75 15.75 -8.68
C ASP B 252 -20.76 14.66 -9.74
N MET B 253 -19.59 14.37 -10.28
CA MET B 253 -19.45 13.32 -11.29
C MET B 253 -19.83 11.96 -10.76
N LEU B 254 -19.39 11.66 -9.55
CA LEU B 254 -19.75 10.40 -8.90
C LEU B 254 -21.25 10.33 -8.64
N ALA B 255 -21.84 11.45 -8.21
CA ALA B 255 -23.27 11.51 -7.94
C ALA B 255 -24.06 11.22 -9.21
N HIS B 256 -23.61 11.79 -10.32
CA HIS B 256 -24.26 11.54 -11.60
C HIS B 256 -24.13 10.09 -12.09
N ARG B 257 -22.95 9.51 -11.95
CA ARG B 257 -22.74 8.14 -12.42
C ARG B 257 -23.55 7.15 -11.61
N THR B 258 -23.71 7.42 -10.32
CA THR B 258 -24.40 6.48 -9.45
C THR B 258 -25.89 6.78 -9.33
N GLY B 259 -26.29 7.99 -9.70
CA GLY B 259 -27.66 8.44 -9.52
C GLY B 259 -28.02 8.63 -8.04
N VAL B 260 -27.01 8.68 -7.19
CA VAL B 260 -27.22 8.95 -5.77
C VAL B 260 -26.74 10.35 -5.46
N SER B 261 -27.62 11.17 -4.89
CA SER B 261 -27.31 12.58 -4.65
C SER B 261 -26.39 12.74 -3.45
N VAL B 262 -25.58 13.78 -3.47
CA VAL B 262 -24.77 14.15 -2.31
C VAL B 262 -25.59 14.18 -1.02
N GLU B 263 -26.79 14.75 -1.10
CA GLU B 263 -27.64 14.90 0.07
C GLU B 263 -28.04 13.54 0.65
N GLN B 264 -28.15 12.54 -0.22
CA GLN B 264 -28.46 11.19 0.26
C GLN B 264 -27.24 10.62 0.98
N MET B 265 -26.05 10.95 0.49
CA MET B 265 -24.83 10.43 1.07
C MET B 265 -24.56 11.07 2.43
N LEU B 266 -24.83 12.37 2.55
CA LEU B 266 -24.66 13.04 3.84
C LEU B 266 -25.63 12.47 4.86
N ALA B 267 -26.80 12.04 4.39
CA ALA B 267 -27.79 11.42 5.26
C ALA B 267 -27.29 10.07 5.74
N ALA B 268 -26.72 9.31 4.81
CA ALA B 268 -26.11 8.04 5.13
C ALA B 268 -25.02 8.21 6.17
N ILE B 269 -24.19 9.23 6.00
CA ILE B 269 -23.12 9.50 6.95
C ILE B 269 -23.67 9.72 8.36
N GLN B 270 -24.67 10.58 8.49
CA GLN B 270 -25.29 10.80 9.79
C GLN B 270 -25.77 9.50 10.42
N SER B 271 -26.38 8.65 9.60
CA SER B 271 -26.88 7.35 10.08
C SER B 271 -25.74 6.38 10.43
N LEU B 272 -24.75 6.26 9.54
CA LEU B 272 -23.67 5.29 9.75
C LEU B 272 -22.83 5.70 10.94
N HIS B 273 -22.77 7.01 11.19
CA HIS B 273 -22.05 7.53 12.35
C HIS B 273 -22.69 7.05 13.65
N ALA B 274 -23.98 6.78 13.60
CA ALA B 274 -24.70 6.30 14.77
C ALA B 274 -24.44 4.80 14.96
N GLY B 275 -24.16 4.11 13.85
CA GLY B 275 -23.87 2.69 13.90
C GLY B 275 -24.13 2.01 12.58
N PHE B 276 -23.36 0.97 12.30
CA PHE B 276 -23.50 0.24 11.03
C PHE B 276 -24.56 -0.86 11.08
N GLN B 277 -25.20 -1.05 12.24
CA GLN B 277 -26.29 -2.02 12.37
C GLN B 277 -25.84 -3.43 12.00
N GLY B 278 -24.62 -3.79 12.42
CA GLY B 278 -24.09 -5.10 12.16
C GLY B 278 -23.75 -5.38 10.70
N LYS B 279 -23.89 -4.37 9.85
CA LYS B 279 -23.58 -4.54 8.44
C LYS B 279 -22.21 -3.96 8.10
N THR B 280 -21.73 -4.26 6.91
CA THR B 280 -20.42 -3.78 6.48
C THR B 280 -20.50 -3.07 5.14
N ILE B 281 -19.57 -2.12 4.94
CA ILE B 281 -19.41 -1.47 3.66
C ILE B 281 -17.99 -1.72 3.17
N LEU B 282 -17.87 -2.31 1.99
CA LEU B 282 -16.57 -2.68 1.42
C LEU B 282 -15.68 -3.36 2.46
N GLY B 283 -16.30 -4.23 3.27
CA GLY B 283 -15.58 -4.97 4.28
C GLY B 283 -15.45 -4.32 5.66
N GLN B 284 -15.74 -3.02 5.75
CA GLN B 284 -15.52 -2.30 7.00
C GLN B 284 -16.81 -1.96 7.77
N SER B 285 -16.69 -1.79 9.07
N SER B 285 -16.71 -1.80 9.08
CA SER B 285 -17.81 -1.37 9.92
CA SER B 285 -17.84 -1.34 9.89
C SER B 285 -17.50 -0.02 10.57
C SER B 285 -17.52 -0.01 10.56
N THR B 286 -16.64 0.76 9.92
CA THR B 286 -16.36 2.13 10.34
C THR B 286 -16.28 2.98 9.08
N LEU B 287 -16.54 4.27 9.21
CA LEU B 287 -16.43 5.15 8.06
C LEU B 287 -14.97 5.32 7.68
N GLU B 288 -14.66 5.09 6.41
CA GLU B 288 -13.33 5.28 5.85
C GLU B 288 -13.20 6.69 5.28
N ASP B 289 -12.20 7.46 5.71
CA ASP B 289 -12.08 8.83 5.22
C ASP B 289 -10.72 9.18 4.62
N GLU B 290 -9.96 8.17 4.20
CA GLU B 290 -8.63 8.46 3.65
C GLU B 290 -8.54 8.16 2.14
N PHE B 291 -9.68 7.92 1.48
CA PHE B 291 -9.75 7.94 0.01
C PHE B 291 -10.28 9.30 -0.47
N THR B 292 -9.50 10.03 -1.25
CA THR B 292 -9.97 11.29 -1.84
C THR B 292 -10.90 10.97 -3.01
N PRO B 293 -11.68 11.97 -3.45
CA PRO B 293 -12.48 11.74 -4.66
C PRO B 293 -11.61 11.29 -5.85
N ASP B 294 -10.43 11.87 -6.00
CA ASP B 294 -9.54 11.50 -7.10
C ASP B 294 -8.96 10.10 -6.93
N ASP B 295 -8.62 9.71 -5.69
CA ASP B 295 -8.21 8.32 -5.42
C ASP B 295 -9.29 7.37 -5.91
N VAL B 296 -10.54 7.68 -5.60
CA VAL B 296 -11.66 6.83 -5.97
C VAL B 296 -11.84 6.82 -7.50
N ASN B 297 -11.81 8.01 -8.11
CA ASN B 297 -11.96 8.12 -9.56
C ASN B 297 -11.03 7.19 -10.32
N MET B 298 -9.78 7.14 -9.88
CA MET B 298 -8.78 6.32 -10.53
C MET B 298 -9.08 4.81 -10.40
N GLN B 299 -9.79 4.42 -9.35
CA GLN B 299 -10.08 2.98 -9.20
C GLN B 299 -11.49 2.60 -9.67
N VAL B 300 -12.26 3.58 -10.12
CA VAL B 300 -13.55 3.26 -10.74
C VAL B 300 -13.52 3.69 -12.20
N MET B 301 -14.39 3.07 -12.99
CA MET B 301 -14.50 3.17 -14.45
C MET B 301 -15.04 1.85 -15.01
N GLY B 302 -15.65 1.08 -14.14
CA GLY B 302 -16.55 0.01 -14.55
C GLY B 302 -17.85 0.69 -14.93
N VAL B 303 -18.83 -0.10 -15.35
CA VAL B 303 -20.09 0.49 -15.82
C VAL B 303 -21.24 0.03 -14.91
N VAL B 304 -22.23 0.92 -14.80
CA VAL B 304 -23.50 0.77 -14.06
C VAL B 304 -23.77 -0.47 -13.17
N MET B 305 -24.10 -0.18 -11.91
CA MET B 305 -24.62 -1.17 -10.96
C MET B 305 -26.08 -0.84 -10.70
N GLN B 306 -26.85 -1.76 -10.12
CA GLN B 306 -28.16 -1.41 -9.55
C GLN B 306 -28.25 -1.80 -8.08
O01 RFM C . -11.59 -11.84 -15.83
C02 RFM C . -11.32 -11.45 -16.97
N03 RFM C . -11.75 -12.23 -18.10
C04 RFM C . -11.44 -11.72 -19.44
C05 RFM C . -12.41 -10.98 -20.06
C06 RFM C . -12.17 -10.48 -21.36
C07 RFM C . -10.99 -10.72 -21.98
N08 RFM C . -10.75 -10.26 -23.29
C09 RFM C . -11.24 -9.04 -23.88
C10 RFM C . -10.87 -8.82 -25.35
C11 RFM C . -10.65 -9.95 -26.13
C12 RFM C . -10.29 -9.79 -27.51
C13 RFM C . -10.17 -8.49 -28.05
C14 RFM C . -10.40 -7.36 -27.26
C15 RFM C . -10.76 -7.52 -25.88
O16 RFM C . -11.93 -8.21 -23.27
C17 RFM C . -10.01 -11.49 -21.34
C18 RFM C . -10.23 -12.00 -20.06
C19 RFM C . -12.47 -13.47 -17.95
C20 RFM C . -11.74 -14.50 -18.83
C21 RFM C . -12.17 -14.95 -20.15
S22 RFM C . -11.11 -16.00 -20.74
C23 RFM C . -10.03 -16.06 -19.53
C24 RFM C . -10.43 -15.18 -18.46
C25 RFM C . -10.55 -10.16 -17.22
N26 RFM C . -10.29 -9.43 -16.02
C27 RFM C . -11.09 -8.38 -15.59
C28 RFM C . -12.28 -7.77 -16.11
C29 RFM C . -12.85 -6.71 -15.41
C30 RFM C . -12.28 -6.23 -14.22
C31 RFM C . -11.11 -6.84 -13.71
C32 RFM C . -10.52 -7.92 -14.40
N33 RFM C . -9.39 -8.72 -14.17
N34 RFM C . -9.28 -9.62 -15.16
C ACT D . -17.68 -15.61 23.81
O ACT D . -17.05 -16.65 23.56
OXT ACT D . -18.70 -15.39 23.10
CH3 ACT D . -17.27 -14.67 24.90
C ACT E . -14.15 -13.32 5.43
O ACT E . -13.82 -14.52 5.55
OXT ACT E . -15.38 -13.10 5.34
CH3 ACT E . -13.15 -12.19 5.40
O01 RFM F . 10.26 11.54 16.80
C02 RFM F . 11.47 11.29 16.79
N03 RFM F . 12.33 12.05 17.64
C04 RFM F . 13.76 11.78 17.67
C05 RFM F . 14.23 10.96 18.68
C06 RFM F . 15.61 10.69 18.76
C07 RFM F . 16.47 11.24 17.85
N08 RFM F . 17.86 11.03 17.94
C09 RFM F . 18.48 9.82 18.40
C10 RFM F . 20.01 9.80 18.46
C11 RFM F . 20.68 11.02 18.58
C12 RFM F . 22.11 11.06 18.63
C13 RFM F . 22.83 9.86 18.56
C14 RFM F . 22.16 8.64 18.44
C15 RFM F . 20.73 8.59 18.39
O16 RFM F . 17.82 8.83 18.74
C17 RFM F . 15.99 12.11 16.86
C18 RFM F . 14.62 12.36 16.76
C19 RFM F . 11.81 13.13 18.47
C20 RFM F . 12.57 14.41 18.10
C21 RFM F . 13.70 14.98 18.87
S22 RFM F . 14.25 16.29 18.16
C23 RFM F . 13.26 16.38 16.87
C24 RFM F . 12.33 15.28 16.89
C25 RFM F . 12.09 10.20 15.92
N26 RFM F . 11.06 9.41 15.33
C27 RFM F . 10.58 8.23 15.88
C28 RFM F . 10.87 7.52 17.07
C29 RFM F . 10.18 6.34 17.36
C30 RFM F . 9.21 5.86 16.47
C31 RFM F . 8.91 6.56 15.28
C32 RFM F . 9.61 7.76 15.00
N33 RFM F . 9.57 8.67 13.94
N34 RFM F . 10.44 9.66 14.15
C ACT G . -11.07 10.46 14.15
O ACT G . -10.22 10.12 13.30
OXT ACT G . -11.37 11.67 14.17
CH3 ACT G . -11.69 9.46 15.07
C FMT H . -19.54 10.96 -15.56
O1 FMT H . -18.56 11.63 -15.22
O2 FMT H . -19.47 9.78 -15.91
#